data_6TE4
#
_entry.id   6TE4
#
_cell.length_a   66.440
_cell.length_b   73.611
_cell.length_c   77.668
_cell.angle_alpha   97.970
_cell.angle_beta   114.950
_cell.angle_gamma   104.510
#
_symmetry.space_group_name_H-M   'P 1'
#
loop_
_entity.id
_entity.type
_entity.pdbx_description
1 polymer Tse8
2 polymer Pro-Pro-Leu-Ala-Ser-Lys
3 water water
#
loop_
_entity_poly.entity_id
_entity_poly.type
_entity_poly.pdbx_seq_one_letter_code
_entity_poly.pdbx_strand_id
1 'polypeptide(L)'
;MMGSSHHHHHHHHHSSGENLYFQGGSMIEVTEVSIAELRDALESGRTTAVELVQAYLARIDAYDAPGTPTALNAVVVRNP
DALAEAQASDARRARGEPLGPLDGIPYTAKDSYLVKGLTAASGSPAFKDLVAQRDAFTVERLRAAGAICLGKTNMPPMAN
GGMQRGVYGRAESPYNAAYLTAPFASGSSNGAGTATAASFAAFGLAEETWSSGRGPASNNGLCAYTPSRGVISVRGNWPL
TPTMDVVVPYARSMADLLEILDVVVADDPDTRGDLWRMQPWVPIPKASEVRPASYPALAAGAEALAGKRFGVPRMFINAD
PDAGTSESPGIGGPTGQRIHTRPSVIALWEQARKALEAAGAEVIEVDFPLVSNCEGDRPGAPTVFNRGLVSKEFLHDELW
ELSAWGFDDFLRANGDPKLNRLADVDGPQIFPHDPGTLPNREGDLAAGMDEYVRMAERGIKPWDRIATLPDGLRGLEETR
RIDLEEWMRRLRLDAVLFPTVADVGPADADVNPASADIAWSNGVWVANGNLAIRHLGVPTVTVPMGVMADIGMPVGLTFA
GRAYDDSALLRFAAAFESTGSRRIVPPRTPPLASK
;
A,B
2 'polypeptide(L)' PPLASK C
#
# COMPACT_ATOMS: atom_id res chain seq x y z
N GLU A 29 -24.51 -7.95 24.45
CA GLU A 29 -23.12 -7.55 24.27
C GLU A 29 -22.22 -8.78 24.18
N VAL A 30 -21.42 -8.84 23.12
CA VAL A 30 -20.58 -10.00 22.83
C VAL A 30 -19.10 -9.72 23.07
N THR A 31 -18.75 -8.52 23.49
CA THR A 31 -17.34 -8.16 23.67
C THR A 31 -16.76 -8.95 24.85
N GLU A 32 -15.75 -9.77 24.56
CA GLU A 32 -15.03 -10.54 25.57
C GLU A 32 -15.95 -11.49 26.32
N VAL A 33 -16.87 -12.11 25.58
CA VAL A 33 -17.78 -13.11 26.12
C VAL A 33 -17.28 -14.48 25.68
N SER A 34 -17.40 -15.46 26.57
CA SER A 34 -16.92 -16.80 26.32
C SER A 34 -17.99 -17.64 25.60
N ILE A 35 -17.55 -18.79 25.08
CA ILE A 35 -18.46 -19.68 24.37
C ILE A 35 -19.50 -20.22 25.35
N ALA A 36 -19.09 -20.51 26.58
CA ALA A 36 -20.03 -21.02 27.57
C ALA A 36 -21.11 -20.00 27.89
N GLU A 37 -20.73 -18.73 28.04
CA GLU A 37 -21.71 -17.69 28.30
C GLU A 37 -22.62 -17.44 27.10
N LEU A 38 -22.11 -17.66 25.88
CA LEU A 38 -22.95 -17.54 24.70
C LEU A 38 -23.93 -18.71 24.60
N ARG A 39 -23.43 -19.94 24.74
CA ARG A 39 -24.32 -21.09 24.73
C ARG A 39 -25.33 -21.00 25.87
N ASP A 40 -24.91 -20.45 27.02
CA ASP A 40 -25.83 -20.27 28.13
C ASP A 40 -26.95 -19.32 27.76
N ALA A 41 -26.62 -18.23 27.05
CA ALA A 41 -27.65 -17.28 26.63
C ALA A 41 -28.54 -17.86 25.53
N LEU A 42 -27.99 -18.77 24.72
CA LEU A 42 -28.78 -19.41 23.68
C LEU A 42 -29.81 -20.38 24.26
N GLU A 43 -29.48 -21.04 25.38
CA GLU A 43 -30.38 -22.00 25.98
C GLU A 43 -31.42 -21.35 26.89
N SER A 44 -31.19 -20.11 27.32
CA SER A 44 -32.10 -19.42 28.22
C SER A 44 -33.02 -18.45 27.51
N GLY A 45 -32.86 -18.26 26.20
CA GLY A 45 -33.68 -17.34 25.45
C GLY A 45 -33.26 -15.89 25.50
N ARG A 46 -32.20 -15.55 26.25
CA ARG A 46 -31.75 -14.17 26.31
C ARG A 46 -31.25 -13.67 24.97
N THR A 47 -30.87 -14.57 24.05
CA THR A 47 -30.43 -14.17 22.73
C THR A 47 -30.69 -15.34 21.77
N THR A 48 -30.52 -15.06 20.49
CA THR A 48 -30.68 -16.06 19.44
C THR A 48 -29.42 -16.09 18.58
N ALA A 49 -29.30 -17.15 17.79
CA ALA A 49 -28.15 -17.27 16.89
C ALA A 49 -28.09 -16.11 15.92
N VAL A 50 -29.25 -15.68 15.42
CA VAL A 50 -29.29 -14.56 14.47
C VAL A 50 -28.85 -13.27 15.16
N GLU A 51 -29.30 -13.05 16.39
CA GLU A 51 -28.94 -11.83 17.09
C GLU A 51 -27.46 -11.80 17.44
N LEU A 52 -26.84 -12.97 17.64
CA LEU A 52 -25.40 -13.02 17.85
C LEU A 52 -24.64 -12.67 16.57
N VAL A 53 -25.13 -13.16 15.43
CA VAL A 53 -24.50 -12.83 14.15
C VAL A 53 -24.57 -11.33 13.91
N GLN A 54 -25.72 -10.72 14.21
CA GLN A 54 -25.85 -9.28 13.99
C GLN A 54 -24.99 -8.48 14.96
N ALA A 55 -24.82 -8.98 16.19
CA ALA A 55 -23.97 -8.27 17.15
C ALA A 55 -22.52 -8.24 16.68
N TYR A 56 -22.03 -9.35 16.14
CA TYR A 56 -20.65 -9.39 15.67
C TYR A 56 -20.48 -8.56 14.40
N LEU A 57 -21.48 -8.60 13.50
CA LEU A 57 -21.39 -7.80 12.29
C LEU A 57 -21.41 -6.30 12.60
N ALA A 58 -22.08 -5.90 13.68
CA ALA A 58 -22.09 -4.49 14.07
C ALA A 58 -20.70 -4.03 14.49
N ARG A 59 -19.94 -4.92 15.14
CA ARG A 59 -18.57 -4.57 15.52
C ARG A 59 -17.64 -4.57 14.32
N ILE A 60 -17.88 -5.47 13.36
CA ILE A 60 -17.08 -5.46 12.13
C ILE A 60 -17.33 -4.18 11.35
N ASP A 61 -18.60 -3.80 11.20
CA ASP A 61 -18.94 -2.58 10.46
C ASP A 61 -18.51 -1.32 11.18
N ALA A 62 -18.34 -1.38 12.50
CA ALA A 62 -17.93 -0.21 13.27
C ALA A 62 -16.42 -0.09 13.43
N TYR A 63 -15.68 -1.19 13.31
CA TYR A 63 -14.24 -1.19 13.56
C TYR A 63 -13.40 -1.79 12.44
N ASP A 64 -13.96 -2.65 11.59
CA ASP A 64 -13.20 -3.40 10.61
C ASP A 64 -13.37 -2.88 9.19
N ALA A 65 -14.55 -2.40 8.83
CA ALA A 65 -14.81 -2.00 7.45
C ALA A 65 -14.05 -0.74 7.08
N PRO A 66 -13.77 -0.53 5.80
CA PRO A 66 -13.15 0.73 5.38
C PRO A 66 -14.07 1.91 5.64
N GLY A 67 -13.45 3.07 5.85
CA GLY A 67 -14.19 4.28 6.20
C GLY A 67 -14.38 4.48 7.68
N THR A 68 -14.11 3.47 8.50
CA THR A 68 -14.23 3.61 9.94
C THR A 68 -12.96 4.23 10.52
N PRO A 69 -13.04 4.82 11.73
CA PRO A 69 -11.82 5.41 12.32
C PRO A 69 -10.69 4.42 12.49
N THR A 70 -11.00 3.18 12.90
CA THR A 70 -9.95 2.18 13.09
C THR A 70 -9.60 1.48 11.78
N ALA A 71 -10.59 0.99 11.06
CA ALA A 71 -10.39 0.30 9.79
C ALA A 71 -9.30 -0.77 9.92
N LEU A 72 -9.56 -1.74 10.80
CA LEU A 72 -8.57 -2.76 11.10
C LEU A 72 -8.40 -3.76 9.96
N ASN A 73 -9.42 -3.93 9.11
CA ASN A 73 -9.30 -4.73 7.89
C ASN A 73 -8.92 -6.18 8.19
N ALA A 74 -9.56 -6.77 9.20
CA ALA A 74 -9.32 -8.17 9.54
C ALA A 74 -10.23 -9.11 8.77
N VAL A 75 -11.52 -8.81 8.69
CA VAL A 75 -12.48 -9.64 7.99
C VAL A 75 -12.58 -9.13 6.56
N VAL A 76 -12.13 -9.96 5.61
CA VAL A 76 -11.99 -9.52 4.22
C VAL A 76 -12.99 -10.19 3.28
N VAL A 77 -13.53 -11.36 3.63
CA VAL A 77 -14.54 -12.03 2.83
C VAL A 77 -15.72 -12.38 3.73
N ARG A 78 -16.91 -11.96 3.32
CA ARG A 78 -18.10 -12.18 4.11
C ARG A 78 -18.81 -13.46 3.67
N ASN A 79 -19.43 -14.13 4.64
CA ASN A 79 -20.30 -15.26 4.36
C ASN A 79 -21.73 -14.77 4.28
N PRO A 80 -22.33 -14.67 3.09
CA PRO A 80 -23.70 -14.13 3.01
C PRO A 80 -24.77 -15.04 3.60
N ASP A 81 -24.45 -16.31 3.87
CA ASP A 81 -25.39 -17.25 4.43
C ASP A 81 -25.32 -17.33 5.96
N ALA A 82 -24.61 -16.40 6.60
CA ALA A 82 -24.46 -16.46 8.06
C ALA A 82 -25.81 -16.29 8.75
N LEU A 83 -26.63 -15.35 8.28
CA LEU A 83 -27.95 -15.17 8.87
C LEU A 83 -28.86 -16.35 8.56
N ALA A 84 -28.76 -16.90 7.35
CA ALA A 84 -29.57 -18.07 7.00
C ALA A 84 -29.20 -19.27 7.86
N GLU A 85 -27.90 -19.50 8.05
CA GLU A 85 -27.47 -20.58 8.95
C GLU A 85 -27.86 -20.30 10.38
N ALA A 86 -27.85 -19.04 10.80
CA ALA A 86 -28.25 -18.70 12.16
C ALA A 86 -29.74 -18.94 12.38
N GLN A 87 -30.57 -18.63 11.37
CA GLN A 87 -31.99 -18.92 11.47
C GLN A 87 -32.23 -20.42 11.60
N ALA A 88 -31.48 -21.23 10.85
CA ALA A 88 -31.59 -22.67 10.96
C ALA A 88 -31.18 -23.14 12.35
N SER A 89 -30.22 -22.46 12.98
CA SER A 89 -29.79 -22.84 14.33
C SER A 89 -30.91 -22.60 15.33
N ASP A 90 -31.55 -21.43 15.27
CA ASP A 90 -32.68 -21.16 16.15
C ASP A 90 -33.84 -22.10 15.88
N ALA A 91 -34.02 -22.52 14.63
CA ALA A 91 -35.10 -23.47 14.32
C ALA A 91 -34.82 -24.83 14.94
N ARG A 92 -33.56 -25.28 14.91
CA ARG A 92 -33.21 -26.54 15.55
C ARG A 92 -33.34 -26.44 17.06
N ARG A 93 -33.06 -25.28 17.63
CA ARG A 93 -33.12 -25.11 19.08
C ARG A 93 -34.56 -24.95 19.56
N ALA A 94 -35.37 -24.17 18.84
CA ALA A 94 -36.78 -24.05 19.21
C ALA A 94 -37.47 -25.40 19.21
N ARG A 95 -36.91 -26.33 18.46
CA ARG A 95 -37.44 -27.66 18.39
C ARG A 95 -36.79 -28.58 19.40
N GLY A 96 -35.99 -28.01 20.28
CA GLY A 96 -35.36 -28.78 21.34
C GLY A 96 -34.35 -29.78 20.84
N GLU A 97 -33.71 -29.50 19.70
CA GLU A 97 -32.72 -30.40 19.10
C GLU A 97 -31.49 -29.61 18.67
N PRO A 98 -30.71 -29.11 19.62
CA PRO A 98 -29.44 -28.47 19.26
C PRO A 98 -28.43 -29.51 18.78
N LEU A 99 -27.58 -29.09 17.85
CA LEU A 99 -26.58 -30.00 17.30
C LEU A 99 -25.45 -30.28 18.29
N GLY A 100 -25.26 -29.42 19.27
CA GLY A 100 -24.21 -29.62 20.25
C GLY A 100 -23.84 -28.33 20.97
N PRO A 101 -22.69 -28.34 21.64
CA PRO A 101 -22.29 -27.14 22.41
C PRO A 101 -21.97 -25.94 21.55
N LEU A 102 -21.59 -26.13 20.27
CA LEU A 102 -21.22 -25.01 19.41
C LEU A 102 -22.32 -24.63 18.44
N ASP A 103 -23.53 -25.17 18.59
CA ASP A 103 -24.63 -24.82 17.71
C ASP A 103 -24.98 -23.35 17.88
N GLY A 104 -24.81 -22.57 16.82
CA GLY A 104 -25.10 -21.15 16.86
C GLY A 104 -23.96 -20.26 17.28
N ILE A 105 -22.73 -20.77 17.31
CA ILE A 105 -21.58 -20.02 17.78
C ILE A 105 -20.84 -19.48 16.55
N PRO A 106 -20.78 -18.16 16.35
CA PRO A 106 -20.06 -17.63 15.18
C PRO A 106 -18.55 -17.74 15.33
N TYR A 107 -17.87 -17.78 14.18
CA TYR A 107 -16.42 -17.83 14.15
C TYR A 107 -15.95 -17.30 12.80
N THR A 108 -14.63 -17.13 12.69
CA THR A 108 -13.98 -16.74 11.46
C THR A 108 -12.90 -17.76 11.12
N ALA A 109 -12.56 -17.83 9.84
CA ALA A 109 -11.57 -18.78 9.35
C ALA A 109 -10.56 -18.06 8.45
N LYS A 110 -9.30 -18.47 8.53
CA LYS A 110 -8.27 -17.91 7.68
C LYS A 110 -8.63 -18.11 6.21
N ASP A 111 -8.24 -17.14 5.38
CA ASP A 111 -8.53 -17.22 3.96
C ASP A 111 -7.92 -18.46 3.31
N SER A 112 -7.01 -19.15 3.99
CA SER A 112 -6.47 -20.40 3.47
C SER A 112 -7.46 -21.56 3.60
N TYR A 113 -8.49 -21.41 4.43
CA TYR A 113 -9.47 -22.47 4.63
C TYR A 113 -10.46 -22.51 3.48
N LEU A 114 -10.78 -23.72 3.03
CA LEU A 114 -11.85 -23.92 2.07
C LEU A 114 -13.19 -23.84 2.80
N VAL A 115 -13.99 -22.83 2.46
CA VAL A 115 -15.35 -22.69 2.96
C VAL A 115 -16.28 -22.69 1.75
N LYS A 116 -17.13 -23.72 1.67
CA LYS A 116 -17.92 -23.94 0.47
C LYS A 116 -18.76 -22.71 0.13
N GLY A 117 -18.75 -22.32 -1.14
CA GLY A 117 -19.48 -21.18 -1.62
C GLY A 117 -18.70 -19.89 -1.60
N LEU A 118 -17.62 -19.81 -0.84
CA LEU A 118 -16.81 -18.60 -0.74
C LEU A 118 -15.49 -18.79 -1.47
N THR A 119 -14.86 -17.66 -1.77
CA THR A 119 -13.56 -17.68 -2.43
C THR A 119 -12.49 -18.23 -1.50
N ALA A 120 -11.39 -18.70 -2.11
CA ALA A 120 -10.24 -19.23 -1.38
C ALA A 120 -8.98 -18.72 -2.09
N ALA A 121 -8.74 -17.41 -1.97
CA ALA A 121 -7.62 -16.77 -2.65
C ALA A 121 -6.29 -16.95 -1.92
N SER A 122 -6.32 -17.33 -0.64
CA SER A 122 -5.10 -17.37 0.17
C SER A 122 -4.45 -15.99 0.23
N GLY A 123 -5.25 -14.93 0.15
CA GLY A 123 -4.71 -13.58 0.12
C GLY A 123 -3.93 -13.26 -1.13
N SER A 124 -4.08 -14.07 -2.20
CA SER A 124 -3.31 -13.89 -3.43
C SER A 124 -4.21 -13.40 -4.57
N PRO A 125 -3.75 -12.41 -5.35
CA PRO A 125 -4.58 -11.98 -6.49
C PRO A 125 -4.81 -13.07 -7.53
N ALA A 126 -3.80 -13.92 -7.77
CA ALA A 126 -3.93 -14.96 -8.78
C ALA A 126 -5.09 -15.91 -8.51
N PHE A 127 -5.51 -16.04 -7.25
CA PHE A 127 -6.61 -16.93 -6.88
C PHE A 127 -7.84 -16.15 -6.40
N LYS A 128 -7.94 -14.87 -6.76
CA LYS A 128 -9.03 -14.03 -6.27
C LYS A 128 -10.40 -14.54 -6.70
N ASP A 129 -10.47 -15.24 -7.83
CA ASP A 129 -11.74 -15.77 -8.33
C ASP A 129 -11.91 -17.25 -8.08
N LEU A 130 -10.95 -17.89 -7.42
CA LEU A 130 -11.09 -19.30 -7.08
C LEU A 130 -12.23 -19.49 -6.09
N VAL A 131 -13.13 -20.42 -6.39
CA VAL A 131 -14.31 -20.68 -5.57
C VAL A 131 -14.15 -22.04 -4.90
N ALA A 132 -14.36 -22.07 -3.60
CA ALA A 132 -14.28 -23.32 -2.84
C ALA A 132 -15.46 -24.21 -3.19
N GLN A 133 -15.18 -25.36 -3.79
CA GLN A 133 -16.23 -26.31 -4.12
C GLN A 133 -16.66 -27.16 -2.93
N ARG A 134 -15.96 -27.07 -1.80
CA ARG A 134 -16.32 -27.83 -0.61
C ARG A 134 -15.62 -27.20 0.58
N ASP A 135 -15.81 -27.80 1.74
CA ASP A 135 -15.26 -27.29 3.00
C ASP A 135 -13.97 -28.03 3.36
N ALA A 136 -13.15 -27.37 4.17
CA ALA A 136 -12.02 -28.02 4.79
C ALA A 136 -12.51 -28.92 5.94
N PHE A 137 -11.63 -29.84 6.36
CA PHE A 137 -12.03 -30.78 7.41
C PHE A 137 -12.40 -30.04 8.69
N THR A 138 -11.64 -29.02 9.07
CA THR A 138 -11.97 -28.24 10.26
C THR A 138 -13.29 -27.50 10.09
N VAL A 139 -13.56 -27.01 8.87
CA VAL A 139 -14.83 -26.34 8.60
C VAL A 139 -15.96 -27.36 8.55
N GLU A 140 -15.69 -28.55 8.00
CA GLU A 140 -16.71 -29.60 7.95
C GLU A 140 -17.14 -30.01 9.34
N ARG A 141 -16.18 -30.13 10.27
CA ARG A 141 -16.52 -30.48 11.64
C ARG A 141 -17.34 -29.39 12.31
N LEU A 142 -16.99 -28.13 12.07
CA LEU A 142 -17.71 -27.02 12.71
C LEU A 142 -19.10 -26.86 12.11
N ARG A 143 -19.24 -27.03 10.80
CA ARG A 143 -20.54 -26.88 10.17
C ARG A 143 -21.50 -27.98 10.65
N ALA A 144 -21.01 -29.21 10.77
CA ALA A 144 -21.85 -30.30 11.27
C ALA A 144 -22.27 -30.07 12.72
N ALA A 145 -21.47 -29.32 13.48
CA ALA A 145 -21.77 -29.03 14.88
C ALA A 145 -22.68 -27.82 15.04
N GLY A 146 -23.08 -27.17 13.96
CA GLY A 146 -23.94 -26.01 14.02
C GLY A 146 -23.23 -24.68 14.17
N ALA A 147 -21.90 -24.67 14.14
CA ALA A 147 -21.17 -23.41 14.16
C ALA A 147 -21.29 -22.73 12.81
N ILE A 148 -21.35 -21.40 12.82
CA ILE A 148 -21.57 -20.61 11.62
C ILE A 148 -20.34 -19.75 11.36
N CYS A 149 -19.82 -19.83 10.14
CA CYS A 149 -18.67 -19.03 9.74
C CYS A 149 -19.15 -17.65 9.29
N LEU A 150 -18.70 -16.60 9.98
CA LEU A 150 -19.06 -15.25 9.60
C LEU A 150 -18.32 -14.78 8.35
N GLY A 151 -17.10 -15.27 8.14
CA GLY A 151 -16.33 -14.87 6.98
C GLY A 151 -14.88 -15.29 7.12
N LYS A 152 -14.06 -14.79 6.21
CA LYS A 152 -12.66 -15.15 6.14
C LYS A 152 -11.79 -13.95 6.50
N THR A 153 -10.61 -14.24 7.04
CA THR A 153 -9.72 -13.22 7.59
C THR A 153 -8.51 -13.01 6.69
N ASN A 154 -7.85 -11.88 6.89
CA ASN A 154 -6.80 -11.41 5.99
C ASN A 154 -5.52 -12.21 6.15
N MET A 155 -4.68 -12.16 5.11
CA MET A 155 -3.40 -12.88 5.11
C MET A 155 -2.56 -12.45 3.91
N PRO A 156 -1.24 -12.53 4.00
CA PRO A 156 -0.40 -12.27 2.83
C PRO A 156 -0.56 -13.37 1.79
N PRO A 157 -0.15 -13.11 0.55
CA PRO A 157 -0.40 -14.10 -0.52
C PRO A 157 0.21 -15.45 -0.19
N MET A 158 -0.62 -16.49 -0.25
CA MET A 158 -0.20 -17.87 -0.05
C MET A 158 0.38 -18.09 1.34
N ALA A 159 0.12 -17.20 2.28
CA ALA A 159 0.69 -17.27 3.62
C ALA A 159 2.21 -17.25 3.57
N ASN A 160 2.77 -16.84 2.44
CA ASN A 160 4.22 -16.79 2.23
C ASN A 160 4.76 -15.46 2.76
N GLY A 161 4.65 -15.30 4.07
CA GLY A 161 5.11 -14.10 4.73
C GLY A 161 4.35 -13.87 6.03
N GLY A 162 4.22 -12.60 6.39
CA GLY A 162 3.56 -12.23 7.62
C GLY A 162 2.63 -11.04 7.46
N MET A 163 3.19 -9.84 7.42
CA MET A 163 2.42 -8.61 7.36
C MET A 163 2.44 -7.96 5.98
N GLN A 164 2.98 -8.64 4.97
CA GLN A 164 2.91 -8.10 3.62
C GLN A 164 1.46 -8.07 3.15
N ARG A 165 1.11 -7.04 2.40
CA ARG A 165 -0.26 -6.87 1.93
C ARG A 165 -0.53 -7.82 0.76
N GLY A 166 -1.65 -8.51 0.82
CA GLY A 166 -2.10 -9.38 -0.24
C GLY A 166 -3.20 -8.75 -1.07
N VAL A 167 -4.04 -9.60 -1.66
CA VAL A 167 -5.13 -9.09 -2.48
C VAL A 167 -6.13 -8.31 -1.63
N TYR A 168 -6.21 -8.61 -0.33
CA TYR A 168 -7.10 -7.91 0.58
C TYR A 168 -6.36 -6.92 1.48
N GLY A 169 -5.07 -6.70 1.24
CA GLY A 169 -4.29 -5.82 2.08
C GLY A 169 -3.74 -6.53 3.30
N ARG A 170 -3.79 -5.86 4.45
CA ARG A 170 -3.33 -6.44 5.70
C ARG A 170 -4.21 -5.94 6.84
N ALA A 171 -4.20 -6.67 7.94
CA ALA A 171 -4.96 -6.31 9.13
C ALA A 171 -4.12 -5.45 10.07
N GLU A 172 -4.78 -4.54 10.76
CA GLU A 172 -4.13 -3.65 11.71
C GLU A 172 -4.41 -4.12 13.15
N SER A 173 -3.60 -3.61 14.07
CA SER A 173 -3.63 -4.07 15.45
C SER A 173 -4.74 -3.37 16.22
N PRO A 174 -5.54 -4.09 17.00
CA PRO A 174 -6.56 -3.45 17.85
C PRO A 174 -6.04 -2.96 19.19
N TYR A 175 -4.75 -3.17 19.49
CA TYR A 175 -4.16 -2.74 20.75
C TYR A 175 -3.32 -1.48 20.62
N ASN A 176 -2.63 -1.29 19.50
CA ASN A 176 -1.81 -0.10 19.31
C ASN A 176 -1.57 0.06 17.81
N ALA A 177 -2.11 1.14 17.24
CA ALA A 177 -1.98 1.36 15.81
C ALA A 177 -0.54 1.54 15.37
N ALA A 178 0.36 1.88 16.29
CA ALA A 178 1.75 2.15 15.95
C ALA A 178 2.58 0.88 15.76
N TYR A 179 2.01 -0.30 16.01
CA TYR A 179 2.75 -1.55 15.93
C TYR A 179 1.94 -2.59 15.16
N LEU A 180 2.66 -3.54 14.58
CA LEU A 180 2.04 -4.58 13.78
C LEU A 180 1.23 -5.54 14.65
N THR A 181 0.22 -6.14 14.04
CA THR A 181 -0.60 -7.14 14.73
C THR A 181 0.00 -8.54 14.66
N ALA A 182 1.18 -8.70 14.05
CA ALA A 182 1.81 -9.99 13.93
C ALA A 182 3.26 -9.76 13.50
N PRO A 183 4.13 -10.76 13.64
CA PRO A 183 5.49 -10.63 13.12
C PRO A 183 5.48 -10.38 11.62
N PHE A 184 6.39 -9.53 11.16
CA PHE A 184 6.34 -9.05 9.78
C PHE A 184 6.69 -10.17 8.81
N ALA A 185 7.63 -11.03 9.18
CA ALA A 185 8.16 -12.03 8.25
C ALA A 185 7.43 -13.36 8.31
N SER A 186 6.91 -13.75 9.48
CA SER A 186 6.13 -14.99 9.62
C SER A 186 5.00 -14.72 10.61
N GLY A 187 3.83 -14.37 10.07
CA GLY A 187 2.65 -14.09 10.85
C GLY A 187 1.44 -13.93 9.95
N SER A 188 1.24 -14.88 9.04
CA SER A 188 0.26 -14.71 7.97
C SER A 188 -1.17 -14.70 8.47
N SER A 189 -1.45 -15.27 9.65
CA SER A 189 -2.80 -15.22 10.22
C SER A 189 -3.09 -13.91 10.92
N ASN A 190 -2.65 -12.78 10.35
CA ASN A 190 -2.80 -11.50 11.03
C ASN A 190 -4.27 -11.11 11.17
N GLY A 191 -5.10 -11.45 10.19
CA GLY A 191 -6.51 -11.14 10.29
C GLY A 191 -7.21 -11.98 11.36
N ALA A 192 -6.79 -13.24 11.50
CA ALA A 192 -7.40 -14.11 12.51
C ALA A 192 -7.07 -13.63 13.92
N GLY A 193 -5.85 -13.12 14.12
CA GLY A 193 -5.48 -12.61 15.42
C GLY A 193 -6.25 -11.34 15.78
N THR A 194 -6.31 -10.39 14.85
CA THR A 194 -7.02 -9.14 15.11
C THR A 194 -8.50 -9.39 15.34
N ALA A 195 -9.13 -10.21 14.50
CA ALA A 195 -10.57 -10.41 14.58
C ALA A 195 -10.97 -11.07 15.88
N THR A 196 -10.22 -12.08 16.32
CA THR A 196 -10.57 -12.78 17.56
C THR A 196 -10.40 -11.88 18.77
N ALA A 197 -9.31 -11.11 18.82
CA ALA A 197 -9.06 -10.26 19.97
C ALA A 197 -10.08 -9.13 20.07
N ALA A 198 -10.60 -8.65 18.93
CA ALA A 198 -11.58 -7.58 18.91
C ALA A 198 -13.02 -8.08 19.01
N SER A 199 -13.21 -9.37 19.27
CA SER A 199 -14.54 -9.95 19.43
C SER A 199 -15.40 -9.71 18.18
N PHE A 200 -14.78 -9.86 17.00
CA PHE A 200 -15.55 -9.92 15.77
C PHE A 200 -16.20 -11.28 15.57
N ALA A 201 -15.87 -12.25 16.43
CA ALA A 201 -16.52 -13.55 16.45
C ALA A 201 -16.19 -14.19 17.79
N ALA A 202 -16.78 -15.36 18.03
CA ALA A 202 -16.52 -16.05 19.30
C ALA A 202 -15.11 -16.64 19.33
N PHE A 203 -14.67 -17.23 18.22
CA PHE A 203 -13.32 -17.74 18.10
C PHE A 203 -12.90 -17.66 16.64
N GLY A 204 -11.65 -18.04 16.36
CA GLY A 204 -11.11 -17.95 15.02
C GLY A 204 -10.25 -19.16 14.70
N LEU A 205 -10.03 -19.35 13.41
CA LEU A 205 -9.20 -20.43 12.89
C LEU A 205 -8.00 -19.83 12.16
N ALA A 206 -6.82 -20.35 12.45
CA ALA A 206 -5.60 -19.88 11.83
C ALA A 206 -4.80 -21.04 11.24
N GLU A 207 -3.59 -20.75 10.77
CA GLU A 207 -2.73 -21.77 10.18
C GLU A 207 -1.29 -21.31 10.33
N GLU A 208 -0.39 -22.28 10.46
CA GLU A 208 1.02 -21.97 10.71
C GLU A 208 1.91 -22.89 9.88
N THR A 209 2.90 -22.29 9.24
CA THR A 209 3.99 -23.02 8.59
C THR A 209 5.32 -22.78 9.29
N TRP A 210 5.61 -21.54 9.65
CA TRP A 210 6.75 -21.22 10.51
C TRP A 210 6.25 -20.73 11.86
N SER A 211 5.76 -19.49 11.89
CA SER A 211 5.17 -18.93 13.10
C SER A 211 3.89 -18.17 12.80
N SER A 212 3.23 -18.49 11.68
CA SER A 212 2.02 -17.78 11.30
C SER A 212 0.87 -18.00 12.27
N GLY A 213 0.97 -18.96 13.18
CA GLY A 213 -0.06 -19.18 14.18
C GLY A 213 0.30 -18.58 15.53
N ARG A 214 1.49 -18.91 16.03
CA ARG A 214 1.93 -18.38 17.32
C ARG A 214 2.19 -16.88 17.26
N GLY A 215 2.60 -16.37 16.11
CA GLY A 215 2.94 -14.97 15.96
C GLY A 215 1.76 -14.05 16.21
N PRO A 216 0.75 -14.10 15.35
CA PRO A 216 -0.42 -13.24 15.54
C PRO A 216 -1.10 -13.43 16.89
N ALA A 217 -1.11 -14.64 17.43
CA ALA A 217 -1.74 -14.85 18.73
C ALA A 217 -1.01 -14.07 19.82
N SER A 218 0.32 -13.98 19.71
CA SER A 218 1.10 -13.28 20.74
C SER A 218 0.78 -11.80 20.76
N ASN A 219 0.76 -11.16 19.60
CA ASN A 219 0.54 -9.72 19.53
C ASN A 219 -0.89 -9.32 19.87
N ASN A 220 -1.80 -10.28 20.01
CA ASN A 220 -3.20 -9.98 20.27
C ASN A 220 -3.73 -10.64 21.54
N GLY A 221 -2.86 -11.21 22.37
CA GLY A 221 -3.28 -11.79 23.62
C GLY A 221 -4.27 -12.93 23.49
N LEU A 222 -3.95 -13.89 22.63
CA LEU A 222 -4.84 -15.01 22.34
C LEU A 222 -4.22 -16.32 22.80
N CYS A 223 -5.09 -17.32 22.97
CA CYS A 223 -4.65 -18.69 23.22
C CYS A 223 -4.60 -19.44 21.90
N ALA A 224 -3.49 -20.14 21.66
CA ALA A 224 -3.28 -20.84 20.41
C ALA A 224 -2.64 -22.20 20.69
N TYR A 225 -2.96 -23.16 19.85
CA TYR A 225 -2.49 -24.54 20.02
C TYR A 225 -2.04 -25.07 18.67
N THR A 226 -0.75 -25.38 18.54
CA THR A 226 -0.22 -26.02 17.34
C THR A 226 -0.08 -27.50 17.62
N PRO A 227 -0.91 -28.36 17.03
CA PRO A 227 -0.90 -29.78 17.40
C PRO A 227 0.29 -30.53 16.82
N SER A 228 0.50 -31.73 17.34
CA SER A 228 1.49 -32.63 16.76
C SER A 228 1.05 -33.08 15.37
N ARG A 229 1.95 -33.79 14.69
CA ARG A 229 1.67 -34.23 13.33
C ARG A 229 0.45 -35.14 13.28
N GLY A 230 -0.46 -34.86 12.34
CA GLY A 230 -1.59 -35.71 12.08
C GLY A 230 -2.73 -35.62 13.08
N VAL A 231 -2.67 -34.68 14.03
CA VAL A 231 -3.74 -34.56 15.02
C VAL A 231 -4.95 -33.87 14.41
N ILE A 232 -4.74 -32.81 13.64
CA ILE A 232 -5.80 -32.10 12.95
C ILE A 232 -5.53 -32.19 11.46
N SER A 233 -6.45 -32.79 10.71
CA SER A 233 -6.27 -32.94 9.28
C SER A 233 -6.20 -31.58 8.60
N VAL A 234 -5.30 -31.47 7.62
CA VAL A 234 -5.11 -30.24 6.86
C VAL A 234 -5.72 -30.36 5.47
N ARG A 235 -6.60 -31.33 5.26
CA ARG A 235 -7.29 -31.46 3.99
C ARG A 235 -8.27 -30.31 3.81
N GLY A 236 -8.19 -29.65 2.66
CA GLY A 236 -8.99 -28.47 2.41
C GLY A 236 -8.36 -27.17 2.85
N ASN A 237 -7.12 -27.22 3.37
CA ASN A 237 -6.37 -26.02 3.74
C ASN A 237 -5.33 -25.74 2.67
N TRP A 238 -5.27 -24.48 2.22
CA TRP A 238 -4.23 -24.07 1.30
C TRP A 238 -2.87 -24.41 1.88
N PRO A 239 -2.10 -25.30 1.26
CA PRO A 239 -0.77 -25.62 1.79
C PRO A 239 0.26 -24.56 1.46
N LEU A 240 1.36 -24.58 2.20
CA LEU A 240 2.54 -23.77 1.91
C LEU A 240 3.75 -24.69 1.85
N THR A 241 4.03 -25.36 2.96
CA THR A 241 5.07 -26.39 3.03
C THR A 241 4.43 -27.63 3.63
N PRO A 242 4.02 -28.61 2.82
CA PRO A 242 3.26 -29.74 3.35
C PRO A 242 3.90 -30.45 4.54
N THR A 243 5.22 -30.39 4.69
CA THR A 243 5.85 -31.04 5.84
C THR A 243 5.68 -30.25 7.13
N MET A 244 5.20 -29.01 7.05
CA MET A 244 5.14 -28.14 8.22
C MET A 244 3.78 -27.51 8.46
N ASP A 245 2.87 -27.54 7.49
CA ASP A 245 1.58 -26.88 7.66
C ASP A 245 0.74 -27.59 8.72
N VAL A 246 0.18 -26.81 9.65
CA VAL A 246 -0.69 -27.34 10.69
C VAL A 246 -1.84 -26.37 10.89
N VAL A 247 -2.98 -26.91 11.35
CA VAL A 247 -4.15 -26.11 11.67
C VAL A 247 -3.96 -25.52 13.06
N VAL A 248 -4.37 -24.25 13.23
CA VAL A 248 -4.17 -23.55 14.50
C VAL A 248 -5.45 -22.85 14.91
N PRO A 249 -6.14 -23.30 15.95
CA PRO A 249 -7.32 -22.60 16.43
C PRO A 249 -6.95 -21.45 17.36
N TYR A 250 -7.78 -20.40 17.31
CA TYR A 250 -7.62 -19.22 18.16
C TYR A 250 -8.78 -19.12 19.13
N ALA A 251 -8.47 -18.60 20.33
CA ALA A 251 -9.49 -18.38 21.34
C ALA A 251 -8.95 -17.37 22.35
N ARG A 252 -9.87 -16.60 22.92
CA ARG A 252 -9.50 -15.60 23.91
C ARG A 252 -9.24 -16.19 25.29
N SER A 253 -9.52 -17.48 25.49
CA SER A 253 -9.29 -18.12 26.78
C SER A 253 -9.08 -19.61 26.54
N MET A 254 -8.45 -20.27 27.50
CA MET A 254 -8.20 -21.70 27.39
C MET A 254 -9.50 -22.48 27.39
N ALA A 255 -10.50 -22.02 28.13
CA ALA A 255 -11.79 -22.70 28.13
C ALA A 255 -12.40 -22.71 26.73
N ASP A 256 -12.33 -21.58 26.03
CA ASP A 256 -12.88 -21.52 24.67
C ASP A 256 -12.09 -22.40 23.72
N LEU A 257 -10.76 -22.43 23.85
CA LEU A 257 -9.97 -23.25 22.95
C LEU A 257 -10.29 -24.72 23.12
N LEU A 258 -10.51 -25.17 24.36
CA LEU A 258 -10.88 -26.56 24.58
C LEU A 258 -12.27 -26.85 24.01
N GLU A 259 -13.17 -25.86 24.02
CA GLU A 259 -14.48 -26.03 23.39
C GLU A 259 -14.31 -26.32 21.92
N ILE A 260 -13.36 -25.65 21.26
CA ILE A 260 -13.17 -25.82 19.82
C ILE A 260 -12.56 -27.18 19.52
N LEU A 261 -11.48 -27.54 20.22
CA LEU A 261 -10.80 -28.80 19.94
C LEU A 261 -11.71 -29.99 20.17
N ASP A 262 -12.68 -29.87 21.09
CA ASP A 262 -13.58 -30.98 21.35
C ASP A 262 -14.40 -31.36 20.12
N VAL A 263 -14.57 -30.43 19.18
CA VAL A 263 -15.37 -30.66 17.98
C VAL A 263 -14.49 -30.94 16.77
N VAL A 264 -13.42 -30.15 16.59
CA VAL A 264 -12.64 -30.27 15.35
C VAL A 264 -11.74 -31.50 15.38
N VAL A 265 -11.22 -31.88 16.54
CA VAL A 265 -10.27 -32.99 16.63
C VAL A 265 -11.04 -34.28 16.45
N ALA A 266 -10.84 -34.93 15.30
CA ALA A 266 -11.48 -36.22 15.02
C ALA A 266 -10.76 -36.85 13.83
N ASP A 267 -10.91 -38.16 13.71
CA ASP A 267 -10.29 -38.88 12.60
C ASP A 267 -10.91 -38.44 11.27
N ASP A 268 -10.05 -38.30 10.26
CA ASP A 268 -10.48 -37.93 8.92
C ASP A 268 -10.25 -39.10 7.98
N PRO A 269 -11.29 -39.71 7.40
CA PRO A 269 -11.04 -40.84 6.49
C PRO A 269 -10.33 -40.45 5.21
N ASP A 270 -10.57 -39.25 4.70
CA ASP A 270 -9.91 -38.78 3.49
C ASP A 270 -8.58 -38.13 3.86
N THR A 271 -7.48 -38.73 3.41
CA THR A 271 -6.14 -38.25 3.73
C THR A 271 -5.54 -37.40 2.61
N ARG A 272 -6.31 -37.08 1.57
CA ARG A 272 -5.76 -36.34 0.44
C ARG A 272 -5.29 -34.95 0.87
N GLY A 273 -4.05 -34.62 0.53
CA GLY A 273 -3.45 -33.36 0.87
C GLY A 273 -2.64 -33.38 2.15
N ASP A 274 -3.04 -34.21 3.12
CA ASP A 274 -2.32 -34.34 4.39
C ASP A 274 -1.15 -35.29 4.18
N LEU A 275 0.05 -34.73 4.04
CA LEU A 275 1.21 -35.54 3.72
C LEU A 275 1.56 -36.52 4.84
N TRP A 276 1.48 -36.07 6.09
CA TRP A 276 1.92 -36.91 7.19
C TRP A 276 0.94 -38.04 7.47
N ARG A 277 -0.33 -37.88 7.10
CA ARG A 277 -1.30 -38.96 7.25
C ARG A 277 -1.34 -39.86 6.01
N MET A 278 -0.67 -39.50 4.93
CA MET A 278 -0.58 -40.35 3.75
C MET A 278 0.68 -41.20 3.76
N GLN A 279 1.80 -40.65 4.21
CA GLN A 279 3.07 -41.34 4.11
C GLN A 279 3.06 -42.60 5.00
N PRO A 280 3.65 -43.72 4.53
CA PRO A 280 3.69 -44.92 5.35
C PRO A 280 5.01 -45.13 6.07
N TRP A 281 6.01 -44.28 5.79
CA TRP A 281 7.36 -44.54 6.28
C TRP A 281 7.52 -44.22 7.76
N VAL A 282 6.82 -43.22 8.27
CA VAL A 282 6.89 -42.83 9.68
C VAL A 282 5.54 -43.11 10.32
N PRO A 283 5.48 -43.81 11.45
CA PRO A 283 4.19 -44.06 12.09
C PRO A 283 3.63 -42.80 12.72
N ILE A 284 2.35 -42.52 12.44
CA ILE A 284 1.66 -41.36 12.98
C ILE A 284 0.39 -41.86 13.66
N PRO A 285 0.19 -41.61 14.95
CA PRO A 285 -1.03 -42.08 15.62
C PRO A 285 -2.26 -41.33 15.14
N LYS A 286 -3.40 -42.02 15.18
CA LYS A 286 -4.67 -41.42 14.79
C LYS A 286 -5.03 -40.30 15.75
N ALA A 287 -5.82 -39.34 15.24
CA ALA A 287 -6.27 -38.24 16.08
C ALA A 287 -7.10 -38.75 17.25
N SER A 288 -7.96 -39.75 16.99
CA SER A 288 -8.79 -40.31 18.06
C SER A 288 -7.96 -41.00 19.12
N GLU A 289 -6.72 -41.37 18.80
CA GLU A 289 -5.83 -42.01 19.77
C GLU A 289 -5.04 -41.00 20.58
N VAL A 290 -4.88 -39.78 20.08
CA VAL A 290 -4.06 -38.78 20.75
C VAL A 290 -4.93 -37.88 21.62
N ARG A 291 -6.16 -37.63 21.18
CA ARG A 291 -7.01 -36.71 21.89
C ARG A 291 -7.54 -37.33 23.19
N PRO A 292 -7.81 -36.51 24.20
CA PRO A 292 -8.46 -37.02 25.41
C PRO A 292 -9.94 -37.24 25.20
N ALA A 293 -10.57 -37.84 26.20
CA ALA A 293 -12.02 -38.04 26.15
C ALA A 293 -12.74 -36.71 26.06
N SER A 294 -12.35 -35.75 26.91
CA SER A 294 -12.96 -34.43 26.93
C SER A 294 -11.88 -33.38 27.04
N TYR A 295 -11.76 -32.54 26.02
CA TYR A 295 -10.80 -31.45 26.08
C TYR A 295 -11.11 -30.46 27.20
N PRO A 296 -12.36 -30.03 27.42
CA PRO A 296 -12.62 -29.12 28.55
C PRO A 296 -12.22 -29.69 29.89
N ALA A 297 -12.11 -31.02 30.01
CA ALA A 297 -11.68 -31.61 31.27
C ALA A 297 -10.20 -31.38 31.53
N LEU A 298 -9.43 -30.99 30.52
CA LEU A 298 -8.01 -30.71 30.72
C LEU A 298 -7.78 -29.42 31.51
N ALA A 299 -8.79 -28.56 31.62
CA ALA A 299 -8.63 -27.35 32.41
C ALA A 299 -8.39 -27.71 33.87
N ALA A 300 -7.53 -26.94 34.53
CA ALA A 300 -7.18 -27.21 35.91
C ALA A 300 -6.62 -25.94 36.53
N GLY A 301 -6.61 -25.91 37.87
CA GLY A 301 -6.05 -24.80 38.60
C GLY A 301 -4.55 -24.93 38.74
N ALA A 302 -4.00 -24.14 39.67
CA ALA A 302 -2.56 -24.12 39.90
C ALA A 302 -2.02 -25.45 40.41
N GLU A 303 -2.89 -26.38 40.83
CA GLU A 303 -2.42 -27.67 41.31
C GLU A 303 -1.69 -28.44 40.23
N ALA A 304 -2.07 -28.24 38.96
CA ALA A 304 -1.44 -28.96 37.86
C ALA A 304 0.01 -28.56 37.65
N LEU A 305 0.47 -27.46 38.26
CA LEU A 305 1.84 -26.99 38.11
C LEU A 305 2.73 -27.39 39.27
N ALA A 306 2.17 -27.98 40.33
CA ALA A 306 2.97 -28.32 41.50
C ALA A 306 3.88 -29.50 41.21
N GLY A 307 5.16 -29.37 41.58
CA GLY A 307 6.12 -30.43 41.37
C GLY A 307 6.58 -30.61 39.94
N LYS A 308 6.28 -29.66 39.05
CA LYS A 308 6.66 -29.74 37.66
C LYS A 308 7.97 -29.01 37.39
N ARG A 309 8.71 -29.48 36.40
CA ARG A 309 9.98 -28.90 36.00
C ARG A 309 9.84 -28.32 34.59
N PHE A 310 10.04 -27.01 34.48
CA PHE A 310 9.94 -26.31 33.21
C PHE A 310 11.28 -25.66 32.88
N GLY A 311 11.72 -25.82 31.64
CA GLY A 311 12.98 -25.26 31.18
C GLY A 311 12.74 -24.08 30.24
N VAL A 312 13.45 -23.00 30.50
CA VAL A 312 13.34 -21.78 29.69
C VAL A 312 14.67 -21.58 28.96
N PRO A 313 14.68 -21.54 27.63
CA PRO A 313 15.94 -21.28 26.92
C PRO A 313 16.49 -19.89 27.24
N ARG A 314 17.79 -19.85 27.56
CA ARG A 314 18.44 -18.57 27.83
C ARG A 314 18.37 -17.64 26.63
N MET A 315 18.36 -18.20 25.42
CA MET A 315 18.37 -17.41 24.20
C MET A 315 17.13 -16.54 24.02
N PHE A 316 16.07 -16.79 24.79
CA PHE A 316 14.82 -16.04 24.65
C PHE A 316 14.56 -15.12 25.84
N ILE A 317 15.52 -14.96 26.74
CA ILE A 317 15.35 -14.08 27.90
C ILE A 317 16.62 -13.29 28.15
N ASN A 318 17.33 -12.93 27.09
CA ASN A 318 18.53 -12.08 27.18
C ASN A 318 19.55 -12.66 28.16
N ALA A 319 19.77 -13.98 28.08
CA ALA A 319 20.69 -14.66 28.98
C ALA A 319 21.65 -15.60 28.25
N ASP A 320 21.81 -15.44 26.94
CA ASP A 320 22.64 -16.32 26.12
C ASP A 320 23.61 -15.48 25.31
N PRO A 321 24.71 -15.03 25.91
CA PRO A 321 25.71 -14.26 25.15
C PRO A 321 26.41 -15.07 24.07
N ASP A 322 26.42 -16.40 24.18
CA ASP A 322 27.07 -17.25 23.19
C ASP A 322 26.30 -17.34 21.89
N ALA A 323 25.05 -16.87 21.85
CA ALA A 323 24.26 -16.93 20.63
C ALA A 323 24.87 -16.02 19.58
N GLY A 324 25.17 -16.59 18.41
CA GLY A 324 25.75 -15.81 17.33
C GLY A 324 27.24 -15.64 17.42
N THR A 325 27.95 -16.56 18.07
CA THR A 325 29.39 -16.45 18.25
C THR A 325 30.17 -17.38 17.32
N SER A 326 29.50 -18.07 16.41
CA SER A 326 30.19 -18.90 15.43
C SER A 326 30.72 -18.02 14.30
N GLU A 327 31.45 -18.64 13.37
CA GLU A 327 32.06 -17.88 12.28
C GLU A 327 31.01 -17.29 11.36
N SER A 328 30.13 -18.14 10.82
CA SER A 328 29.07 -17.71 9.91
C SER A 328 27.75 -18.26 10.45
N PRO A 329 27.19 -17.62 11.47
CA PRO A 329 25.98 -18.16 12.11
C PRO A 329 24.75 -18.02 11.22
N GLY A 330 23.78 -18.88 11.49
CA GLY A 330 22.50 -18.81 10.82
C GLY A 330 22.42 -19.69 9.59
N ILE A 331 21.22 -19.73 9.02
CA ILE A 331 20.94 -20.48 7.80
C ILE A 331 20.13 -19.59 6.86
N GLY A 332 20.43 -18.29 6.88
CA GLY A 332 19.72 -17.33 6.05
C GLY A 332 18.94 -16.37 6.93
N GLY A 333 18.91 -15.11 6.53
CA GLY A 333 18.23 -14.08 7.29
C GLY A 333 18.90 -13.83 8.62
N PRO A 334 18.14 -13.35 9.60
CA PRO A 334 18.71 -13.11 10.94
C PRO A 334 18.83 -14.34 11.81
N THR A 335 18.69 -15.54 11.25
CA THR A 335 18.77 -16.76 12.04
C THR A 335 20.15 -16.92 12.63
N GLY A 336 20.21 -17.65 13.75
CA GLY A 336 21.46 -17.93 14.42
C GLY A 336 22.11 -16.75 15.09
N GLN A 337 21.40 -15.63 15.26
CA GLN A 337 21.94 -14.44 15.86
C GLN A 337 21.34 -14.21 17.24
N ARG A 338 22.07 -13.45 18.06
CA ARG A 338 21.61 -13.12 19.40
C ARG A 338 20.30 -12.35 19.35
N ILE A 339 19.39 -12.69 20.26
CA ILE A 339 18.06 -12.10 20.31
C ILE A 339 18.03 -11.08 21.43
N HIS A 340 17.63 -9.85 21.10
CA HIS A 340 17.53 -8.76 22.06
C HIS A 340 16.06 -8.59 22.45
N THR A 341 15.69 -9.12 23.60
CA THR A 341 14.30 -9.04 24.06
C THR A 341 14.02 -7.67 24.65
N ARG A 342 12.85 -7.13 24.32
CA ARG A 342 12.46 -5.81 24.81
C ARG A 342 12.38 -5.84 26.34
N PRO A 343 12.88 -4.80 27.03
CA PRO A 343 12.83 -4.83 28.50
C PRO A 343 11.44 -5.01 29.07
N SER A 344 10.43 -4.38 28.47
CA SER A 344 9.07 -4.56 28.96
C SER A 344 8.58 -6.00 28.82
N VAL A 345 9.15 -6.75 27.88
CA VAL A 345 8.82 -8.17 27.74
C VAL A 345 9.52 -8.99 28.81
N ILE A 346 10.74 -8.59 29.18
CA ILE A 346 11.45 -9.28 30.25
C ILE A 346 10.71 -9.13 31.57
N ALA A 347 10.17 -7.94 31.84
CA ALA A 347 9.47 -7.71 33.09
C ALA A 347 8.25 -8.62 33.22
N LEU A 348 7.55 -8.86 32.12
CA LEU A 348 6.38 -9.74 32.15
C LEU A 348 6.80 -11.19 32.35
N TRP A 349 7.90 -11.61 31.74
CA TRP A 349 8.40 -12.97 31.95
C TRP A 349 8.79 -13.18 33.41
N GLU A 350 9.40 -12.16 34.03
CA GLU A 350 9.79 -12.29 35.42
C GLU A 350 8.57 -12.51 36.32
N GLN A 351 7.49 -11.79 36.07
CA GLN A 351 6.26 -12.03 36.82
C GLN A 351 5.63 -13.36 36.46
N ALA A 352 5.81 -13.81 35.20
CA ALA A 352 5.29 -15.11 34.80
C ALA A 352 6.05 -16.24 35.48
N ARG A 353 7.38 -16.10 35.59
CA ARG A 353 8.16 -17.11 36.29
C ARG A 353 7.80 -17.17 37.77
N LYS A 354 7.61 -16.00 38.39
CA LYS A 354 7.23 -15.95 39.79
C LYS A 354 5.91 -16.65 40.04
N ALA A 355 4.94 -16.46 39.14
CA ALA A 355 3.65 -17.14 39.28
C ALA A 355 3.82 -18.65 39.19
N LEU A 356 4.69 -19.12 38.29
CA LEU A 356 4.95 -20.55 38.18
C LEU A 356 5.58 -21.10 39.45
N GLU A 357 6.58 -20.39 39.99
CA GLU A 357 7.25 -20.85 41.20
C GLU A 357 6.31 -20.81 42.40
N ALA A 358 5.44 -19.81 42.46
CA ALA A 358 4.47 -19.74 43.56
C ALA A 358 3.44 -20.86 43.49
N ALA A 359 3.31 -21.51 42.33
CA ALA A 359 2.39 -22.63 42.18
C ALA A 359 3.09 -23.98 42.39
N GLY A 360 4.33 -23.98 42.87
CA GLY A 360 5.07 -25.20 43.11
C GLY A 360 5.84 -25.74 41.93
N ALA A 361 5.98 -24.95 40.85
CA ALA A 361 6.71 -25.39 39.68
C ALA A 361 8.17 -24.99 39.77
N GLU A 362 9.00 -25.65 38.98
CA GLU A 362 10.44 -25.40 38.93
C GLU A 362 10.78 -24.90 37.54
N VAL A 363 11.33 -23.68 37.47
CA VAL A 363 11.76 -23.07 36.21
C VAL A 363 13.27 -23.11 36.17
N ILE A 364 13.82 -23.72 35.12
CA ILE A 364 15.26 -23.90 34.96
C ILE A 364 15.70 -23.21 33.68
N GLU A 365 16.77 -22.43 33.77
CA GLU A 365 17.37 -21.83 32.58
C GLU A 365 18.29 -22.86 31.93
N VAL A 366 18.05 -23.17 30.66
CA VAL A 366 18.74 -24.24 29.95
C VAL A 366 19.10 -23.76 28.55
N ASP A 367 19.90 -24.57 27.86
CA ASP A 367 20.15 -24.36 26.45
C ASP A 367 18.92 -24.77 25.64
N PHE A 368 19.03 -24.67 24.31
CA PHE A 368 17.95 -25.07 23.41
C PHE A 368 18.56 -25.67 22.16
N PRO A 369 19.03 -26.91 22.24
CA PRO A 369 19.67 -27.53 21.05
C PRO A 369 18.73 -27.62 19.86
N LEU A 370 17.42 -27.64 20.07
CA LEU A 370 16.48 -27.69 18.96
C LEU A 370 16.69 -26.52 18.01
N VAL A 371 17.02 -25.35 18.54
CA VAL A 371 17.30 -24.18 17.71
C VAL A 371 18.77 -24.08 17.35
N SER A 372 19.66 -24.38 18.30
CA SER A 372 21.09 -24.19 18.07
C SER A 372 21.64 -25.17 17.05
N ASN A 373 21.21 -26.43 17.12
CA ASN A 373 21.64 -27.44 16.16
C ASN A 373 20.95 -27.30 14.82
N CYS A 374 19.92 -26.45 14.72
CA CYS A 374 19.28 -26.16 13.44
C CYS A 374 19.91 -24.97 12.75
N GLU A 375 20.32 -23.95 13.50
CA GLU A 375 20.82 -22.70 12.96
C GLU A 375 22.32 -22.53 13.11
N GLY A 376 22.99 -23.39 13.87
CA GLY A 376 24.42 -23.28 14.08
C GLY A 376 24.83 -21.90 14.55
N ASP A 377 24.44 -21.56 15.78
CA ASP A 377 24.65 -20.21 16.30
C ASP A 377 25.85 -20.11 17.25
N ARG A 378 26.59 -21.19 17.44
CA ARG A 378 27.71 -21.19 18.36
C ARG A 378 28.74 -22.20 17.87
N PRO A 379 30.00 -22.07 18.30
CA PRO A 379 31.03 -22.99 17.81
C PRO A 379 30.66 -24.44 18.07
N GLY A 380 30.89 -25.29 17.07
CA GLY A 380 30.60 -26.69 17.15
C GLY A 380 29.15 -27.06 16.84
N ALA A 381 28.22 -26.12 16.94
CA ALA A 381 26.82 -26.44 16.70
C ALA A 381 26.58 -26.62 15.21
N PRO A 382 26.03 -27.75 14.77
CA PRO A 382 25.75 -27.93 13.34
C PRO A 382 24.48 -27.21 12.92
N THR A 383 24.22 -27.24 11.62
CA THR A 383 22.99 -26.72 11.05
C THR A 383 22.24 -27.87 10.39
N VAL A 384 20.95 -27.62 10.12
CA VAL A 384 20.14 -28.63 9.45
C VAL A 384 20.72 -28.97 8.08
N PHE A 385 21.45 -28.03 7.48
CA PHE A 385 22.01 -28.24 6.15
C PHE A 385 23.28 -29.07 6.15
N ASN A 386 24.03 -29.09 7.25
CA ASN A 386 25.30 -29.81 7.32
C ASN A 386 25.34 -30.91 8.36
N ARG A 387 24.25 -31.13 9.10
CA ARG A 387 24.28 -32.11 10.18
C ARG A 387 24.30 -33.53 9.64
N GLY A 388 23.63 -33.78 8.51
CA GLY A 388 23.59 -35.10 7.92
C GLY A 388 22.41 -35.96 8.31
N LEU A 389 21.54 -35.48 9.20
CA LEU A 389 20.35 -36.26 9.56
C LEU A 389 19.33 -36.24 8.42
N VAL A 390 19.21 -35.12 7.72
CA VAL A 390 18.42 -35.02 6.50
C VAL A 390 19.36 -34.54 5.39
N SER A 391 19.18 -35.09 4.20
CA SER A 391 20.06 -34.75 3.09
C SER A 391 19.79 -33.33 2.60
N LYS A 392 20.81 -32.75 1.99
CA LYS A 392 20.66 -31.43 1.38
C LYS A 392 19.69 -31.48 0.21
N GLU A 393 19.64 -32.60 -0.51
CA GLU A 393 18.73 -32.73 -1.63
C GLU A 393 17.29 -32.81 -1.17
N PHE A 394 17.04 -33.29 0.05
CA PHE A 394 15.68 -33.30 0.59
C PHE A 394 15.23 -31.89 0.90
N LEU A 395 16.09 -31.11 1.56
CA LEU A 395 15.74 -29.72 1.85
C LEU A 395 15.44 -28.95 0.57
N HIS A 396 16.14 -29.27 -0.52
CA HIS A 396 15.79 -28.69 -1.82
C HIS A 396 14.42 -29.19 -2.27
N ASP A 397 14.19 -30.50 -2.19
CA ASP A 397 12.90 -31.07 -2.55
C ASP A 397 11.79 -30.58 -1.63
N GLU A 398 12.12 -30.30 -0.37
CA GLU A 398 11.10 -29.92 0.60
C GLU A 398 10.46 -28.58 0.27
N LEU A 399 11.20 -27.69 -0.39
CA LEU A 399 10.72 -26.35 -0.69
C LEU A 399 10.47 -26.07 -2.16
N TRP A 400 10.81 -27.00 -3.06
CA TRP A 400 10.53 -26.80 -4.47
C TRP A 400 9.53 -27.83 -4.97
N GLU A 401 10.01 -29.06 -5.17
CA GLU A 401 9.18 -30.09 -5.78
C GLU A 401 7.99 -30.46 -4.90
N LEU A 402 8.20 -30.58 -3.59
CA LEU A 402 7.13 -31.02 -2.70
C LEU A 402 6.06 -29.96 -2.55
N SER A 403 6.45 -28.69 -2.49
CA SER A 403 5.47 -27.61 -2.35
C SER A 403 4.71 -27.35 -3.64
N ALA A 404 5.39 -27.46 -4.79
CA ALA A 404 4.70 -27.30 -6.07
C ALA A 404 3.59 -28.34 -6.22
N TRP A 405 3.86 -29.58 -5.79
CA TRP A 405 2.82 -30.59 -5.77
C TRP A 405 1.70 -30.21 -4.81
N GLY A 406 2.05 -29.67 -3.65
CA GLY A 406 1.03 -29.26 -2.70
C GLY A 406 0.08 -28.23 -3.28
N PHE A 407 0.62 -27.24 -3.98
CA PHE A 407 -0.24 -26.25 -4.64
C PHE A 407 -1.09 -26.90 -5.72
N ASP A 408 -0.47 -27.76 -6.54
CA ASP A 408 -1.19 -28.36 -7.67
C ASP A 408 -2.25 -29.34 -7.18
N ASP A 409 -1.90 -30.23 -6.25
CA ASP A 409 -2.86 -31.23 -5.78
C ASP A 409 -4.02 -30.57 -5.03
N PHE A 410 -3.78 -29.44 -4.37
CA PHE A 410 -4.86 -28.73 -3.72
C PHE A 410 -5.86 -28.20 -4.74
N LEU A 411 -5.37 -27.66 -5.85
CA LEU A 411 -6.26 -27.16 -6.89
C LEU A 411 -6.99 -28.30 -7.59
N ARG A 412 -6.31 -29.44 -7.79
CA ARG A 412 -6.97 -30.59 -8.39
C ARG A 412 -8.04 -31.16 -7.47
N ALA A 413 -7.77 -31.21 -6.17
CA ALA A 413 -8.73 -31.77 -5.23
C ALA A 413 -9.96 -30.88 -5.07
N ASN A 414 -9.75 -29.57 -5.00
CA ASN A 414 -10.88 -28.65 -4.90
C ASN A 414 -11.79 -28.78 -6.12
N GLY A 415 -11.20 -28.74 -7.31
CA GLY A 415 -11.95 -29.03 -8.52
C GLY A 415 -12.76 -27.87 -9.05
N ASP A 416 -12.25 -26.65 -8.95
CA ASP A 416 -12.93 -25.51 -9.57
C ASP A 416 -12.77 -25.61 -11.09
N PRO A 417 -13.85 -25.70 -11.86
CA PRO A 417 -13.68 -25.80 -13.32
C PRO A 417 -12.94 -24.62 -13.93
N LYS A 418 -13.02 -23.45 -13.31
CA LYS A 418 -12.33 -22.27 -13.83
C LYS A 418 -10.83 -22.29 -13.54
N LEU A 419 -10.41 -23.00 -12.49
CA LEU A 419 -9.01 -23.01 -12.11
C LEU A 419 -8.78 -24.22 -11.20
N ASN A 420 -8.25 -25.30 -11.79
CA ASN A 420 -7.97 -26.52 -11.05
C ASN A 420 -6.58 -27.08 -11.37
N ARG A 421 -5.71 -26.28 -11.97
CA ARG A 421 -4.35 -26.70 -12.30
C ARG A 421 -3.40 -25.56 -11.97
N LEU A 422 -2.27 -25.90 -11.33
CA LEU A 422 -1.28 -24.86 -11.02
C LEU A 422 -0.65 -24.31 -12.29
N ALA A 423 -0.60 -25.11 -13.36
CA ALA A 423 -0.02 -24.65 -14.61
C ALA A 423 -0.85 -23.54 -15.26
N ASP A 424 -2.14 -23.45 -14.94
CA ASP A 424 -3.02 -22.45 -15.52
C ASP A 424 -3.16 -21.22 -14.63
N VAL A 425 -2.25 -21.03 -13.68
CA VAL A 425 -2.30 -19.91 -12.74
C VAL A 425 -1.42 -18.80 -13.28
N ASP A 426 -1.86 -17.55 -13.09
CA ASP A 426 -1.06 -16.39 -13.47
C ASP A 426 0.12 -16.27 -12.51
N GLY A 427 1.27 -16.77 -12.94
CA GLY A 427 2.44 -16.85 -12.11
C GLY A 427 2.84 -15.54 -11.47
N PRO A 428 3.12 -14.53 -12.29
CA PRO A 428 3.55 -13.23 -11.74
C PRO A 428 2.55 -12.59 -10.79
N GLN A 429 1.31 -13.07 -10.75
CA GLN A 429 0.29 -12.51 -9.88
C GLN A 429 0.11 -13.29 -8.59
N ILE A 430 0.88 -14.36 -8.39
CA ILE A 430 0.74 -15.12 -7.16
C ILE A 430 1.17 -14.28 -5.96
N PHE A 431 2.27 -13.55 -6.10
CA PHE A 431 2.78 -12.69 -5.03
C PHE A 431 3.49 -11.50 -5.66
N PRO A 432 2.73 -10.51 -6.13
CA PRO A 432 3.37 -9.29 -6.64
C PRO A 432 3.81 -8.40 -5.48
N HIS A 433 4.94 -7.73 -5.67
CA HIS A 433 5.48 -6.87 -4.63
C HIS A 433 4.63 -5.61 -4.49
N ASP A 434 4.49 -5.13 -3.25
CA ASP A 434 3.72 -3.93 -2.96
C ASP A 434 4.53 -2.69 -3.34
N PRO A 435 4.13 -1.94 -4.37
CA PRO A 435 4.93 -0.78 -4.78
C PRO A 435 4.97 0.27 -3.67
N GLY A 436 6.15 0.87 -3.49
CA GLY A 436 6.37 1.86 -2.47
C GLY A 436 6.93 1.33 -1.16
N THR A 437 6.84 0.01 -0.93
CA THR A 437 7.37 -0.60 0.28
C THR A 437 8.82 -0.97 0.09
N LEU A 438 9.50 -1.22 1.21
CA LEU A 438 10.90 -1.60 1.17
C LEU A 438 11.03 -3.00 0.57
N PRO A 439 12.12 -3.27 -0.17
CA PRO A 439 12.27 -4.57 -0.81
C PRO A 439 12.38 -5.69 0.23
N ASN A 440 11.95 -6.88 -0.16
CA ASN A 440 12.01 -8.02 0.75
C ASN A 440 13.48 -8.35 1.04
N ARG A 441 13.74 -8.73 2.29
CA ARG A 441 15.10 -8.99 2.73
C ARG A 441 15.53 -10.43 2.46
N GLU A 442 14.62 -11.39 2.63
CA GLU A 442 14.95 -12.78 2.31
C GLU A 442 15.23 -12.96 0.82
N GLY A 443 14.61 -12.13 -0.01
CA GLY A 443 14.81 -12.23 -1.45
C GLY A 443 13.55 -11.93 -2.25
N ASP A 444 13.68 -11.90 -3.57
CA ASP A 444 12.54 -11.64 -4.43
C ASP A 444 11.50 -12.76 -4.32
N LEU A 445 10.23 -12.37 -4.17
CA LEU A 445 9.13 -13.31 -4.09
C LEU A 445 8.19 -13.27 -5.27
N ALA A 446 8.30 -12.27 -6.15
CA ALA A 446 7.47 -12.23 -7.34
C ALA A 446 7.88 -13.32 -8.33
N ALA A 447 9.17 -13.37 -8.67
CA ALA A 447 9.65 -14.40 -9.57
C ALA A 447 9.76 -15.75 -8.87
N GLY A 448 9.93 -15.75 -7.55
CA GLY A 448 10.02 -16.99 -6.82
C GLY A 448 8.71 -17.78 -6.85
N MET A 449 7.58 -17.08 -6.67
CA MET A 449 6.29 -17.76 -6.74
C MET A 449 5.92 -18.12 -8.17
N ASP A 450 6.30 -17.27 -9.13
CA ASP A 450 6.07 -17.60 -10.53
C ASP A 450 6.80 -18.88 -10.91
N GLU A 451 7.90 -19.19 -10.21
CA GLU A 451 8.66 -20.39 -10.53
C GLU A 451 7.84 -21.65 -10.35
N TYR A 452 6.92 -21.65 -9.39
CA TYR A 452 6.07 -22.82 -9.20
C TYR A 452 5.19 -23.09 -10.40
N VAL A 453 4.75 -22.02 -11.09
CA VAL A 453 3.99 -22.20 -12.31
C VAL A 453 4.90 -22.73 -13.42
N ARG A 454 6.14 -22.26 -13.47
CA ARG A 454 7.09 -22.81 -14.43
C ARG A 454 7.27 -24.32 -14.22
N MET A 455 7.36 -24.74 -12.96
CA MET A 455 7.53 -26.17 -12.68
C MET A 455 6.28 -26.95 -13.08
N ALA A 456 5.11 -26.37 -12.87
CA ALA A 456 3.87 -27.05 -13.22
C ALA A 456 3.73 -27.21 -14.73
N GLU A 457 4.34 -26.32 -15.50
CA GLU A 457 4.29 -26.44 -16.96
C GLU A 457 5.30 -27.45 -17.47
N ARG A 458 6.42 -27.63 -16.77
CA ARG A 458 7.41 -28.63 -17.15
C ARG A 458 7.08 -30.00 -16.60
N GLY A 459 6.17 -30.09 -15.64
CA GLY A 459 5.79 -31.36 -15.05
C GLY A 459 6.11 -31.45 -13.58
N ILE A 460 5.10 -31.71 -12.75
CA ILE A 460 5.25 -31.85 -11.31
C ILE A 460 5.17 -33.32 -10.95
N LYS A 461 6.12 -33.78 -10.16
CA LYS A 461 6.05 -35.15 -9.66
C LYS A 461 5.22 -35.20 -8.38
N PRO A 462 4.35 -36.20 -8.21
CA PRO A 462 3.55 -36.28 -6.97
C PRO A 462 4.40 -36.61 -5.77
N TRP A 463 3.77 -36.53 -4.59
CA TRP A 463 4.48 -36.71 -3.33
C TRP A 463 5.13 -38.08 -3.23
N ASP A 464 4.43 -39.13 -3.65
CA ASP A 464 4.88 -40.49 -3.41
C ASP A 464 6.00 -40.94 -4.34
N ARG A 465 6.38 -40.13 -5.33
CA ARG A 465 7.48 -40.49 -6.23
C ARG A 465 8.71 -39.62 -6.03
N ILE A 466 8.72 -38.74 -5.02
CA ILE A 466 9.90 -37.95 -4.71
C ILE A 466 10.86 -38.83 -3.91
N ALA A 467 12.03 -39.10 -4.47
CA ALA A 467 12.93 -40.11 -3.90
C ALA A 467 13.45 -39.72 -2.54
N THR A 468 13.66 -38.43 -2.29
CA THR A 468 14.25 -37.99 -1.03
C THR A 468 13.27 -37.92 0.12
N LEU A 469 12.02 -38.32 -0.08
CA LEU A 469 11.02 -38.16 0.97
C LEU A 469 11.16 -39.19 2.09
N PRO A 470 11.34 -40.47 1.78
CA PRO A 470 11.42 -41.46 2.88
C PRO A 470 12.53 -41.17 3.88
N ASP A 471 13.73 -40.83 3.41
CA ASP A 471 14.83 -40.54 4.32
C ASP A 471 14.64 -39.20 5.02
N GLY A 472 14.11 -38.21 4.30
CA GLY A 472 13.93 -36.90 4.90
C GLY A 472 12.94 -36.90 6.05
N LEU A 473 11.80 -37.58 5.86
CA LEU A 473 10.78 -37.60 6.90
C LEU A 473 11.27 -38.36 8.14
N ARG A 474 11.96 -39.48 7.94
CA ARG A 474 12.53 -40.20 9.07
C ARG A 474 13.63 -39.39 9.73
N GLY A 475 14.37 -38.59 8.95
CA GLY A 475 15.42 -37.76 9.52
C GLY A 475 14.89 -36.61 10.33
N LEU A 476 13.73 -36.06 9.94
CA LEU A 476 13.13 -34.97 10.71
C LEU A 476 12.71 -35.45 12.10
N GLU A 477 12.06 -36.62 12.17
CA GLU A 477 11.65 -37.16 13.46
C GLU A 477 12.87 -37.52 14.31
N GLU A 478 13.91 -38.05 13.67
CA GLU A 478 15.12 -38.38 14.42
C GLU A 478 15.76 -37.12 15.00
N THR A 479 15.71 -36.02 14.25
CA THR A 479 16.26 -34.75 14.76
C THR A 479 15.55 -34.34 16.04
N ARG A 480 14.22 -34.47 16.09
CA ARG A 480 13.49 -34.13 17.30
C ARG A 480 13.84 -35.08 18.45
N ARG A 481 14.08 -36.36 18.14
CA ARG A 481 14.40 -37.31 19.20
C ARG A 481 15.71 -36.94 19.89
N ILE A 482 16.71 -36.52 19.11
CA ILE A 482 18.01 -36.21 19.69
C ILE A 482 17.98 -34.86 20.39
N ASP A 483 17.44 -33.83 19.71
CA ASP A 483 17.55 -32.47 20.22
C ASP A 483 16.50 -32.15 21.27
N LEU A 484 15.36 -32.84 21.28
CA LEU A 484 14.25 -32.47 22.15
C LEU A 484 13.79 -33.61 23.04
N GLU A 485 13.44 -34.76 22.47
CA GLU A 485 12.80 -35.83 23.24
C GLU A 485 13.78 -36.40 24.27
N GLU A 486 14.91 -36.96 23.81
CA GLU A 486 15.89 -37.47 24.75
C GLU A 486 16.49 -36.35 25.58
N TRP A 487 16.57 -35.14 25.03
CA TRP A 487 17.09 -33.99 25.79
C TRP A 487 16.20 -33.69 26.97
N MET A 488 14.89 -33.56 26.75
CA MET A 488 13.97 -33.29 27.85
C MET A 488 13.98 -34.42 28.88
N ARG A 489 14.16 -35.66 28.43
CA ARG A 489 14.16 -36.78 29.36
C ARG A 489 15.34 -36.69 30.34
N ARG A 490 16.54 -36.48 29.80
CA ARG A 490 17.72 -36.43 30.67
C ARG A 490 17.75 -35.17 31.52
N LEU A 491 17.02 -34.14 31.13
CA LEU A 491 16.85 -32.97 31.99
C LEU A 491 15.62 -33.07 32.88
N ARG A 492 14.81 -34.11 32.72
CA ARG A 492 13.63 -34.30 33.56
C ARG A 492 12.68 -33.10 33.46
N LEU A 493 12.56 -32.56 32.25
CA LEU A 493 11.69 -31.42 32.00
C LEU A 493 10.31 -31.90 31.58
N ASP A 494 9.28 -31.25 32.13
CA ASP A 494 7.91 -31.53 31.72
C ASP A 494 7.52 -30.73 30.49
N ALA A 495 8.06 -29.52 30.33
CA ALA A 495 7.78 -28.69 29.18
C ALA A 495 8.90 -27.67 29.04
N VAL A 496 8.92 -27.02 27.88
CA VAL A 496 9.87 -25.95 27.57
C VAL A 496 9.05 -24.67 27.39
N LEU A 497 9.43 -23.62 28.13
CA LEU A 497 8.70 -22.36 28.13
C LEU A 497 9.60 -21.23 27.65
N PHE A 498 8.98 -20.22 27.06
CA PHE A 498 9.70 -19.03 26.61
C PHE A 498 8.72 -17.98 26.12
N PRO A 499 9.07 -16.70 26.15
CA PRO A 499 8.23 -15.69 25.52
C PRO A 499 8.04 -15.99 24.05
N THR A 500 6.80 -15.82 23.57
CA THR A 500 6.48 -16.20 22.20
C THR A 500 7.29 -15.37 21.20
N VAL A 501 7.39 -14.06 21.43
CA VAL A 501 8.21 -13.18 20.60
C VAL A 501 9.07 -12.33 21.52
N ALA A 502 10.17 -11.84 20.97
CA ALA A 502 11.08 -10.97 21.72
C ALA A 502 10.66 -9.51 21.69
N ASP A 503 9.98 -9.09 20.64
CA ASP A 503 9.57 -7.70 20.48
C ASP A 503 8.56 -7.64 19.34
N VAL A 504 7.96 -6.46 19.16
CA VAL A 504 6.99 -6.23 18.10
C VAL A 504 7.52 -5.14 17.17
N GLY A 505 7.31 -5.34 15.88
CA GLY A 505 7.76 -4.39 14.89
C GLY A 505 6.78 -3.25 14.69
N PRO A 506 7.29 -2.04 14.47
CA PRO A 506 6.38 -0.91 14.21
C PRO A 506 5.51 -1.15 12.98
N ALA A 507 4.36 -0.47 12.96
CA ALA A 507 3.40 -0.67 11.88
C ALA A 507 3.94 -0.20 10.54
N ASP A 508 4.83 0.79 10.53
CA ASP A 508 5.43 1.30 9.30
C ASP A 508 6.67 0.52 8.88
N ALA A 509 6.80 -0.73 9.33
CA ALA A 509 7.99 -1.51 9.00
C ALA A 509 8.12 -1.77 7.52
N ASP A 510 7.02 -1.66 6.76
CA ASP A 510 7.08 -1.90 5.32
C ASP A 510 7.68 -0.73 4.56
N VAL A 511 7.69 0.47 5.13
CA VAL A 511 8.21 1.65 4.43
C VAL A 511 9.27 2.40 5.22
N ASN A 512 9.37 2.22 6.54
CA ASN A 512 10.36 2.94 7.33
C ASN A 512 11.62 2.10 7.48
N PRO A 513 12.78 2.57 6.99
CA PRO A 513 14.00 1.74 7.16
C PRO A 513 14.33 1.45 8.60
N ALA A 514 14.18 2.43 9.51
CA ALA A 514 14.47 2.20 10.91
C ALA A 514 13.55 1.13 11.49
N SER A 515 12.27 1.17 11.11
CA SER A 515 11.34 0.15 11.60
C SER A 515 11.63 -1.21 10.99
N ALA A 516 12.08 -1.24 9.73
CA ALA A 516 12.37 -2.52 9.08
C ALA A 516 13.49 -3.25 9.80
N ASP A 517 14.51 -2.54 10.26
CA ASP A 517 15.58 -3.19 11.00
C ASP A 517 15.06 -3.83 12.28
N ILE A 518 14.14 -3.17 12.98
CA ILE A 518 13.55 -3.75 14.18
C ILE A 518 12.72 -4.97 13.81
N ALA A 519 11.84 -4.81 12.82
CA ALA A 519 10.88 -5.87 12.47
C ALA A 519 11.56 -7.07 11.84
N TRP A 520 12.73 -6.90 11.23
CA TRP A 520 13.43 -7.99 10.55
C TRP A 520 14.56 -8.57 11.38
N SER A 521 14.63 -8.25 12.67
CA SER A 521 15.68 -8.80 13.52
C SER A 521 15.24 -10.15 14.10
N ASN A 522 16.22 -10.90 14.59
CA ASN A 522 15.94 -12.24 15.11
C ASN A 522 15.08 -12.14 16.36
N GLY A 523 14.13 -13.06 16.48
CA GLY A 523 13.17 -13.02 17.57
C GLY A 523 12.00 -12.09 17.34
N VAL A 524 12.05 -11.26 16.30
CA VAL A 524 10.98 -10.32 15.98
C VAL A 524 10.36 -10.62 14.63
N TRP A 525 11.21 -10.87 13.62
CA TRP A 525 10.71 -11.23 12.30
C TRP A 525 9.88 -12.50 12.34
N VAL A 526 10.24 -13.42 13.23
CA VAL A 526 9.55 -14.70 13.39
C VAL A 526 9.48 -14.98 14.88
N ALA A 527 8.37 -15.56 15.33
CA ALA A 527 8.26 -15.92 16.73
C ALA A 527 9.42 -16.83 17.12
N ASN A 528 9.74 -16.83 18.41
CA ASN A 528 10.91 -17.55 18.90
C ASN A 528 10.83 -19.01 18.51
N GLY A 529 11.96 -19.53 18.01
CA GLY A 529 12.03 -20.88 17.48
C GLY A 529 12.28 -20.93 15.99
N ASN A 530 11.94 -19.88 15.26
CA ASN A 530 12.14 -19.80 13.82
C ASN A 530 11.49 -21.03 13.19
N LEU A 531 12.19 -21.78 12.33
CA LEU A 531 11.58 -22.87 11.58
C LEU A 531 11.65 -24.21 12.30
N ALA A 532 12.59 -24.38 13.23
CA ALA A 532 12.79 -25.68 13.84
C ALA A 532 11.54 -26.17 14.57
N ILE A 533 10.74 -25.27 15.11
CA ILE A 533 9.53 -25.67 15.83
C ILE A 533 8.59 -26.43 14.90
N ARG A 534 8.23 -25.82 13.77
CA ARG A 534 7.33 -26.47 12.83
C ARG A 534 8.04 -27.53 11.99
N HIS A 535 9.35 -27.39 11.79
CA HIS A 535 10.09 -28.35 10.98
C HIS A 535 10.10 -29.74 11.61
N LEU A 536 10.11 -29.81 12.94
CA LEU A 536 10.31 -31.07 13.65
C LEU A 536 9.05 -31.60 14.31
N GLY A 537 7.88 -31.06 13.99
CA GLY A 537 6.64 -31.57 14.55
C GLY A 537 6.53 -31.40 16.06
N VAL A 538 6.87 -30.22 16.57
CA VAL A 538 6.86 -29.95 18.01
C VAL A 538 5.50 -29.35 18.36
N PRO A 539 4.75 -29.94 19.29
CA PRO A 539 3.49 -29.32 19.72
C PRO A 539 3.74 -28.14 20.65
N THR A 540 2.94 -27.09 20.49
CA THR A 540 3.07 -25.90 21.32
C THR A 540 1.70 -25.44 21.75
N VAL A 541 1.65 -24.77 22.91
CA VAL A 541 0.46 -24.10 23.39
C VAL A 541 0.85 -22.70 23.86
N THR A 542 0.21 -21.69 23.31
CA THR A 542 0.50 -20.29 23.60
C THR A 542 -0.64 -19.67 24.40
N VAL A 543 -0.29 -18.92 25.44
CA VAL A 543 -1.27 -18.19 26.24
C VAL A 543 -0.75 -16.78 26.48
N PRO A 544 -1.64 -15.84 26.74
CA PRO A 544 -1.20 -14.47 27.01
C PRO A 544 -0.34 -14.39 28.27
N MET A 545 0.80 -13.71 28.14
CA MET A 545 1.70 -13.48 29.26
C MET A 545 1.50 -12.13 29.91
N GLY A 546 0.75 -11.23 29.28
CA GLY A 546 0.51 -9.90 29.79
C GLY A 546 0.63 -8.88 28.68
N VAL A 547 0.54 -7.60 29.08
CA VAL A 547 0.58 -6.49 28.15
C VAL A 547 1.77 -5.62 28.51
N MET A 548 2.57 -5.25 27.50
CA MET A 548 3.73 -4.41 27.74
C MET A 548 3.31 -3.07 28.32
N ALA A 549 3.98 -2.65 29.39
CA ALA A 549 3.60 -1.43 30.08
C ALA A 549 3.89 -0.19 29.24
N ASP A 550 4.90 -0.25 28.37
CA ASP A 550 5.33 0.94 27.66
C ASP A 550 4.47 1.22 26.44
N ILE A 551 4.22 0.21 25.60
CA ILE A 551 3.53 0.39 24.33
C ILE A 551 2.17 -0.29 24.31
N GLY A 552 1.76 -0.93 25.41
CA GLY A 552 0.44 -1.52 25.47
C GLY A 552 0.21 -2.63 24.47
N MET A 553 1.26 -3.36 24.10
CA MET A 553 1.13 -4.47 23.15
C MET A 553 1.16 -5.80 23.89
N PRO A 554 0.22 -6.70 23.65
CA PRO A 554 0.28 -8.02 24.31
C PRO A 554 1.49 -8.83 23.87
N VAL A 555 1.94 -9.71 24.76
CA VAL A 555 2.97 -10.69 24.45
C VAL A 555 2.59 -11.99 25.14
N GLY A 556 2.81 -13.11 24.45
CA GLY A 556 2.36 -14.40 24.91
C GLY A 556 3.46 -15.23 25.56
N LEU A 557 3.03 -16.35 26.14
CA LEU A 557 3.91 -17.35 26.73
C LEU A 557 3.63 -18.67 26.03
N THR A 558 4.67 -19.27 25.45
CA THR A 558 4.54 -20.50 24.67
C THR A 558 5.02 -21.70 25.48
N PHE A 559 4.20 -22.74 25.53
CA PHE A 559 4.54 -24.01 26.16
C PHE A 559 4.82 -25.03 25.05
N ALA A 560 6.02 -25.60 25.05
CA ALA A 560 6.39 -26.64 24.11
C ALA A 560 6.80 -27.90 24.87
N GLY A 561 6.71 -29.03 24.19
CA GLY A 561 7.03 -30.29 24.82
C GLY A 561 7.21 -31.39 23.81
N ARG A 562 7.29 -32.62 24.31
CA ARG A 562 7.49 -33.80 23.47
C ARG A 562 6.32 -33.97 22.52
N ALA A 563 6.59 -34.67 21.42
CA ALA A 563 5.55 -34.93 20.43
C ALA A 563 4.44 -35.79 21.03
N TYR A 564 3.20 -35.40 20.75
CA TYR A 564 2.01 -36.11 21.22
C TYR A 564 1.85 -36.04 22.73
N ASP A 565 2.53 -35.10 23.38
CA ASP A 565 2.28 -34.74 24.77
C ASP A 565 1.34 -33.56 24.89
N ASP A 566 0.41 -33.42 23.94
CA ASP A 566 -0.36 -32.19 23.81
C ASP A 566 -1.26 -31.97 25.00
N SER A 567 -1.86 -33.03 25.54
CA SER A 567 -2.78 -32.87 26.65
C SER A 567 -2.08 -32.25 27.87
N ALA A 568 -0.84 -32.66 28.13
CA ALA A 568 -0.11 -32.08 29.23
C ALA A 568 0.18 -30.61 29.01
N LEU A 569 0.58 -30.24 27.79
CA LEU A 569 0.89 -28.84 27.51
C LEU A 569 -0.35 -27.98 27.62
N LEU A 570 -1.49 -28.45 27.10
CA LEU A 570 -2.73 -27.70 27.23
C LEU A 570 -3.11 -27.52 28.69
N ARG A 571 -2.89 -28.56 29.50
CA ARG A 571 -3.21 -28.47 30.93
C ARG A 571 -2.28 -27.48 31.62
N PHE A 572 -0.99 -27.52 31.31
CA PHE A 572 -0.05 -26.56 31.89
C PHE A 572 -0.46 -25.13 31.56
N ALA A 573 -0.81 -24.88 30.30
CA ALA A 573 -1.19 -23.53 29.90
C ALA A 573 -2.47 -23.09 30.59
N ALA A 574 -3.45 -23.99 30.70
CA ALA A 574 -4.68 -23.65 31.42
C ALA A 574 -4.40 -23.35 32.88
N ALA A 575 -3.47 -24.11 33.49
CA ALA A 575 -3.14 -23.87 34.89
C ALA A 575 -2.46 -22.52 35.07
N PHE A 576 -1.55 -22.16 34.15
CA PHE A 576 -0.89 -20.86 34.23
C PHE A 576 -1.87 -19.72 34.02
N GLU A 577 -2.85 -19.90 33.12
CA GLU A 577 -3.83 -18.85 32.89
C GLU A 577 -4.67 -18.59 34.13
N SER A 578 -4.92 -19.63 34.93
CA SER A 578 -5.76 -19.49 36.11
C SER A 578 -5.11 -18.66 37.21
N THR A 579 -3.79 -18.51 37.16
CA THR A 579 -3.06 -17.82 38.23
C THR A 579 -2.96 -16.32 38.00
N GLY A 580 -3.70 -15.77 37.04
CA GLY A 580 -3.65 -14.35 36.77
C GLY A 580 -4.67 -13.95 35.73
N SER A 581 -4.93 -12.64 35.69
CA SER A 581 -5.83 -12.04 34.71
C SER A 581 -4.96 -11.25 33.73
N ARG A 582 -4.35 -11.96 32.78
CA ARG A 582 -3.34 -11.39 31.90
C ARG A 582 -3.87 -11.07 30.51
N ARG A 583 -5.17 -10.78 30.39
CA ARG A 583 -5.73 -10.35 29.11
C ARG A 583 -6.67 -9.18 29.34
N ILE A 584 -6.53 -8.14 28.52
CA ILE A 584 -7.39 -6.97 28.58
C ILE A 584 -8.14 -6.83 27.26
N VAL A 585 -9.22 -6.07 27.31
CA VAL A 585 -9.98 -5.76 26.08
C VAL A 585 -9.18 -4.78 25.24
N PRO A 586 -9.08 -4.97 23.93
CA PRO A 586 -8.35 -4.00 23.09
C PRO A 586 -8.96 -2.61 23.22
N PRO A 587 -8.14 -1.59 23.50
CA PRO A 587 -8.70 -0.24 23.67
C PRO A 587 -9.25 0.37 22.40
N ARG A 588 -8.83 -0.09 21.23
CA ARG A 588 -9.33 0.46 19.98
C ARG A 588 -10.70 -0.09 19.60
N THR A 589 -11.18 -1.13 20.26
CA THR A 589 -12.47 -1.75 19.96
C THR A 589 -13.26 -1.94 21.26
N PRO A 590 -13.72 -0.85 21.87
CA PRO A 590 -14.51 -0.97 23.10
C PRO A 590 -15.90 -1.51 22.80
N PRO A 591 -16.64 -1.95 23.81
CA PRO A 591 -18.01 -2.39 23.58
C PRO A 591 -18.88 -1.29 23.00
N LEU A 592 -19.78 -1.67 22.10
CA LEU A 592 -20.66 -0.72 21.45
C LEU A 592 -21.74 -0.22 22.41
N ILE B 28 15.93 31.82 11.17
CA ILE B 28 15.43 31.99 9.82
C ILE B 28 14.17 31.15 9.61
N GLU B 29 13.03 31.82 9.45
CA GLU B 29 11.75 31.15 9.22
C GLU B 29 11.40 31.22 7.74
N VAL B 30 11.13 30.06 7.15
CA VAL B 30 10.85 29.94 5.73
C VAL B 30 9.40 29.61 5.44
N THR B 31 8.57 29.46 6.47
CA THR B 31 7.17 29.09 6.25
C THR B 31 6.41 30.26 5.62
N GLU B 32 5.89 30.03 4.42
CA GLU B 32 5.05 30.99 3.72
C GLU B 32 5.81 32.28 3.43
N VAL B 33 7.08 32.14 3.06
CA VAL B 33 7.95 33.26 2.70
C VAL B 33 8.07 33.32 1.18
N SER B 34 8.10 34.53 0.65
CA SER B 34 8.18 34.74 -0.78
C SER B 34 9.63 34.76 -1.24
N ILE B 35 9.82 34.63 -2.55
CA ILE B 35 11.16 34.65 -3.12
C ILE B 35 11.81 36.02 -2.92
N ALA B 36 11.02 37.09 -3.03
CA ALA B 36 11.58 38.43 -2.88
C ALA B 36 12.11 38.65 -1.48
N GLU B 37 11.36 38.20 -0.46
CA GLU B 37 11.83 38.33 0.91
C GLU B 37 13.02 37.41 1.18
N LEU B 38 13.12 36.29 0.46
CA LEU B 38 14.30 35.45 0.59
C LEU B 38 15.52 36.10 -0.05
N ARG B 39 15.37 36.58 -1.28
CA ARG B 39 16.47 37.30 -1.91
C ARG B 39 16.87 38.52 -1.10
N ASP B 40 15.89 39.21 -0.51
CA ASP B 40 16.20 40.36 0.33
C ASP B 40 17.03 39.95 1.53
N ALA B 41 16.70 38.81 2.15
CA ALA B 41 17.46 38.35 3.30
C ALA B 41 18.84 37.85 2.88
N LEU B 42 18.99 37.35 1.66
CA LEU B 42 20.30 36.93 1.17
C LEU B 42 21.21 38.12 0.92
N GLU B 43 20.65 39.25 0.49
CA GLU B 43 21.46 40.42 0.18
C GLU B 43 21.78 41.27 1.41
N SER B 44 21.04 41.09 2.50
CA SER B 44 21.23 41.88 3.71
C SER B 44 22.06 41.16 4.75
N GLY B 45 22.45 39.91 4.51
CA GLY B 45 23.22 39.14 5.45
C GLY B 45 22.41 38.47 6.54
N ARG B 46 21.11 38.68 6.59
CA ARG B 46 20.28 38.04 7.61
C ARG B 46 20.27 36.53 7.48
N THR B 47 20.59 36.01 6.29
CA THR B 47 20.65 34.57 6.09
C THR B 47 21.61 34.28 4.94
N THR B 48 21.93 33.00 4.79
CA THR B 48 22.79 32.53 3.72
C THR B 48 22.09 31.40 2.97
N ALA B 49 22.65 31.06 1.80
CA ALA B 49 22.09 29.96 1.02
C ALA B 49 22.12 28.67 1.81
N VAL B 50 23.20 28.45 2.57
CA VAL B 50 23.31 27.23 3.39
C VAL B 50 22.24 27.23 4.47
N GLU B 51 21.99 28.38 5.09
CA GLU B 51 20.99 28.45 6.15
C GLU B 51 19.58 28.25 5.61
N LEU B 52 19.32 28.65 4.36
CA LEU B 52 18.02 28.39 3.76
C LEU B 52 17.84 26.91 3.44
N VAL B 53 18.89 26.25 2.94
CA VAL B 53 18.79 24.83 2.64
C VAL B 53 18.50 24.02 3.90
N GLN B 54 19.18 24.36 5.00
CA GLN B 54 18.96 23.62 6.24
C GLN B 54 17.57 23.90 6.82
N ALA B 55 17.05 25.11 6.64
CA ALA B 55 15.71 25.41 7.13
C ALA B 55 14.67 24.56 6.41
N TYR B 56 14.81 24.40 5.10
CA TYR B 56 13.87 23.57 4.35
C TYR B 56 14.07 22.10 4.66
N LEU B 57 15.32 21.66 4.81
CA LEU B 57 15.58 20.26 5.16
C LEU B 57 15.06 19.93 6.54
N ALA B 58 15.07 20.90 7.46
CA ALA B 58 14.53 20.66 8.78
C ALA B 58 13.02 20.43 8.74
N ARG B 59 12.33 21.11 7.83
CA ARG B 59 10.89 20.89 7.68
C ARG B 59 10.60 19.56 7.02
N ILE B 60 11.44 19.14 6.08
CA ILE B 60 11.26 17.84 5.44
C ILE B 60 11.44 16.72 6.45
N ASP B 61 12.50 16.81 7.27
CA ASP B 61 12.75 15.79 8.28
C ASP B 61 11.72 15.80 9.40
N ALA B 62 11.04 16.92 9.63
CA ALA B 62 10.04 17.00 10.69
C ALA B 62 8.64 16.63 10.23
N TYR B 63 8.33 16.76 8.95
CA TYR B 63 6.97 16.55 8.45
C TYR B 63 6.87 15.57 7.28
N ASP B 64 7.94 15.35 6.52
CA ASP B 64 7.85 14.56 5.29
C ASP B 64 8.49 13.18 5.39
N ALA B 65 9.56 13.02 6.14
CA ALA B 65 10.29 11.77 6.15
C ALA B 65 9.47 10.68 6.85
N PRO B 66 9.73 9.40 6.53
CA PRO B 66 9.06 8.33 7.26
C PRO B 66 9.47 8.32 8.73
N GLY B 67 8.56 7.81 9.57
CA GLY B 67 8.75 7.81 11.00
C GLY B 67 8.22 9.05 11.70
N THR B 68 7.88 10.09 10.95
CA THR B 68 7.29 11.29 11.53
C THR B 68 5.79 11.13 11.68
N PRO B 69 5.17 11.91 12.58
CA PRO B 69 3.71 11.79 12.74
C PRO B 69 2.92 12.07 11.46
N THR B 70 3.33 13.05 10.66
CA THR B 70 2.61 13.36 9.43
C THR B 70 3.05 12.46 8.28
N ALA B 71 4.36 12.35 8.06
CA ALA B 71 4.92 11.50 7.01
C ALA B 71 4.23 11.75 5.67
N LEU B 72 4.36 12.99 5.20
CA LEU B 72 3.65 13.39 3.99
C LEU B 72 4.23 12.75 2.73
N ASN B 73 5.50 12.33 2.77
CA ASN B 73 6.10 11.54 1.70
C ASN B 73 6.06 12.27 0.35
N ALA B 74 6.36 13.58 0.39
CA ALA B 74 6.40 14.40 -0.82
C ALA B 74 7.77 14.38 -1.48
N VAL B 75 8.83 14.58 -0.70
CA VAL B 75 10.19 14.58 -1.21
C VAL B 75 10.74 13.15 -1.11
N VAL B 76 10.99 12.53 -2.25
CA VAL B 76 11.34 11.11 -2.30
C VAL B 76 12.79 10.87 -2.71
N VAL B 77 13.44 11.82 -3.38
CA VAL B 77 14.84 11.70 -3.77
C VAL B 77 15.56 12.96 -3.33
N ARG B 78 16.64 12.78 -2.57
CA ARG B 78 17.41 13.91 -2.06
C ARG B 78 18.56 14.25 -2.99
N ASN B 79 18.89 15.55 -3.06
CA ASN B 79 20.07 16.01 -3.77
C ASN B 79 21.20 16.16 -2.77
N PRO B 80 22.19 15.26 -2.75
CA PRO B 80 23.25 15.35 -1.73
C PRO B 80 24.18 16.55 -1.91
N ASP B 81 24.17 17.20 -3.08
CA ASP B 81 25.02 18.35 -3.33
C ASP B 81 24.33 19.68 -3.04
N ALA B 82 23.17 19.65 -2.37
CA ALA B 82 22.44 20.88 -2.12
C ALA B 82 23.24 21.84 -1.25
N LEU B 83 23.87 21.32 -0.18
CA LEU B 83 24.68 22.17 0.68
C LEU B 83 25.94 22.64 -0.04
N ALA B 84 26.54 21.77 -0.87
CA ALA B 84 27.70 22.18 -1.64
C ALA B 84 27.35 23.29 -2.62
N GLU B 85 26.20 23.17 -3.30
CA GLU B 85 25.75 24.24 -4.18
C GLU B 85 25.42 25.50 -3.39
N ALA B 86 24.93 25.35 -2.16
CA ALA B 86 24.63 26.53 -1.34
C ALA B 86 25.90 27.27 -0.96
N GLN B 87 26.97 26.54 -0.65
CA GLN B 87 28.24 27.20 -0.36
C GLN B 87 28.76 27.94 -1.59
N ALA B 88 28.61 27.35 -2.78
CA ALA B 88 29.02 28.04 -4.00
C ALA B 88 28.18 29.29 -4.23
N SER B 89 26.91 29.27 -3.83
CA SER B 89 26.07 30.45 -3.96
C SER B 89 26.54 31.57 -3.05
N ASP B 90 26.82 31.24 -1.78
CA ASP B 90 27.34 32.25 -0.86
C ASP B 90 28.71 32.74 -1.29
N ALA B 91 29.52 31.88 -1.91
CA ALA B 91 30.83 32.30 -2.39
C ALA B 91 30.70 33.31 -3.52
N ARG B 92 29.74 33.09 -4.43
CA ARG B 92 29.53 34.05 -5.51
C ARG B 92 29.01 35.38 -4.98
N ARG B 93 28.22 35.36 -3.91
CA ARG B 93 27.66 36.60 -3.37
C ARG B 93 28.69 37.37 -2.55
N ALA B 94 29.45 36.68 -1.70
CA ALA B 94 30.50 37.35 -0.94
C ALA B 94 31.54 37.99 -1.87
N ARG B 95 31.73 37.42 -3.06
CA ARG B 95 32.63 37.98 -4.05
C ARG B 95 31.97 39.08 -4.88
N GLY B 96 30.72 39.43 -4.59
CA GLY B 96 30.04 40.48 -5.30
C GLY B 96 29.61 40.13 -6.71
N GLU B 97 29.36 38.86 -6.99
CA GLU B 97 28.96 38.39 -8.32
C GLU B 97 27.79 37.41 -8.21
N PRO B 98 26.61 37.90 -7.84
CA PRO B 98 25.44 37.03 -7.85
C PRO B 98 25.02 36.69 -9.28
N LEU B 99 24.51 35.47 -9.45
CA LEU B 99 24.09 35.02 -10.78
C LEU B 99 22.78 35.63 -11.23
N GLY B 100 21.96 36.12 -10.31
CA GLY B 100 20.70 36.72 -10.68
C GLY B 100 19.71 36.75 -9.53
N PRO B 101 18.43 36.99 -9.84
CA PRO B 101 17.42 37.07 -8.77
C PRO B 101 17.17 35.75 -8.05
N LEU B 102 17.46 34.60 -8.69
CA LEU B 102 17.19 33.30 -8.08
C LEU B 102 18.45 32.65 -7.50
N ASP B 103 19.55 33.39 -7.42
CA ASP B 103 20.78 32.84 -6.87
C ASP B 103 20.58 32.53 -5.40
N GLY B 104 20.68 31.24 -5.04
CA GLY B 104 20.51 30.80 -3.67
C GLY B 104 19.10 30.44 -3.28
N ILE B 105 18.19 30.30 -4.23
CA ILE B 105 16.78 30.02 -3.95
C ILE B 105 16.55 28.52 -4.11
N PRO B 106 16.23 27.78 -3.05
CA PRO B 106 15.99 26.34 -3.20
C PRO B 106 14.66 26.05 -3.86
N TYR B 107 14.57 24.86 -4.47
CA TYR B 107 13.34 24.43 -5.12
C TYR B 107 13.33 22.91 -5.20
N THR B 108 12.18 22.36 -5.60
CA THR B 108 12.02 20.94 -5.85
C THR B 108 11.49 20.74 -7.26
N ALA B 109 11.75 19.56 -7.80
CA ALA B 109 11.33 19.21 -9.16
C ALA B 109 10.66 17.85 -9.16
N LYS B 110 9.64 17.72 -9.99
CA LYS B 110 8.95 16.44 -10.13
C LYS B 110 9.94 15.36 -10.57
N ASP B 111 9.69 14.12 -10.12
CA ASP B 111 10.59 13.02 -10.44
C ASP B 111 10.70 12.77 -11.94
N SER B 112 9.81 13.35 -12.76
CA SER B 112 9.93 13.23 -14.20
C SER B 112 11.04 14.11 -14.78
N TYR B 113 11.52 15.09 -14.01
CA TYR B 113 12.57 16.00 -14.49
C TYR B 113 13.94 15.34 -14.42
N LEU B 114 14.73 15.53 -15.48
CA LEU B 114 16.12 15.11 -15.47
C LEU B 114 16.95 16.11 -14.67
N VAL B 115 17.52 15.66 -13.56
CA VAL B 115 18.45 16.44 -12.77
C VAL B 115 19.75 15.66 -12.73
N LYS B 116 20.79 16.21 -13.35
CA LYS B 116 22.03 15.47 -13.54
C LYS B 116 22.59 15.00 -12.21
N GLY B 117 23.02 13.74 -12.17
CA GLY B 117 23.54 13.13 -10.96
C GLY B 117 22.52 12.41 -10.11
N LEU B 118 21.23 12.70 -10.30
CA LEU B 118 20.16 12.09 -9.53
C LEU B 118 19.39 11.11 -10.39
N THR B 119 18.65 10.23 -9.73
CA THR B 119 17.83 9.26 -10.44
C THR B 119 16.66 9.95 -11.15
N ALA B 120 16.12 9.27 -12.17
CA ALA B 120 14.99 9.76 -12.93
C ALA B 120 14.04 8.59 -13.22
N ALA B 121 13.39 8.09 -12.18
CA ALA B 121 12.53 6.92 -12.30
C ALA B 121 11.14 7.27 -12.84
N SER B 122 10.76 8.55 -12.79
CA SER B 122 9.40 8.95 -13.13
C SER B 122 8.38 8.22 -12.26
N GLY B 123 8.77 7.92 -11.02
CA GLY B 123 7.92 7.17 -10.12
C GLY B 123 7.68 5.74 -10.53
N SER B 124 8.51 5.19 -11.43
CA SER B 124 8.31 3.83 -11.92
C SER B 124 9.38 2.90 -11.39
N PRO B 125 9.02 1.70 -10.91
CA PRO B 125 10.06 0.78 -10.44
C PRO B 125 11.03 0.36 -11.53
N ALA B 126 10.55 0.18 -12.77
CA ALA B 126 11.42 -0.28 -13.84
C ALA B 126 12.58 0.69 -14.11
N PHE B 127 12.42 1.96 -13.74
CA PHE B 127 13.45 2.97 -13.96
C PHE B 127 14.04 3.48 -12.64
N LYS B 128 13.94 2.69 -11.57
CA LYS B 128 14.40 3.17 -10.27
C LYS B 128 15.89 3.46 -10.25
N ASP B 129 16.66 2.78 -11.11
CA ASP B 129 18.10 2.97 -11.17
C ASP B 129 18.55 3.82 -12.34
N LEU B 130 17.62 4.35 -13.13
CA LEU B 130 17.99 5.23 -14.24
C LEU B 130 18.62 6.50 -13.70
N VAL B 131 19.80 6.84 -14.24
CA VAL B 131 20.58 7.99 -13.79
C VAL B 131 20.53 9.06 -14.86
N ALA B 132 20.19 10.28 -14.46
CA ALA B 132 20.15 11.40 -15.38
C ALA B 132 21.56 11.80 -15.79
N GLN B 133 21.89 11.65 -17.07
CA GLN B 133 23.19 12.05 -17.58
C GLN B 133 23.29 13.54 -17.84
N ARG B 134 22.18 14.27 -17.77
CA ARG B 134 22.17 15.70 -18.01
C ARG B 134 20.91 16.29 -17.39
N ASP B 135 20.75 17.59 -17.55
CA ASP B 135 19.61 18.31 -16.99
C ASP B 135 18.53 18.53 -18.04
N ALA B 136 17.30 18.73 -17.55
CA ALA B 136 16.23 19.23 -18.40
C ALA B 136 16.41 20.72 -18.63
N PHE B 137 15.73 21.24 -19.66
CA PHE B 137 15.89 22.65 -20.01
C PHE B 137 15.48 23.54 -18.84
N THR B 138 14.37 23.20 -18.17
CA THR B 138 13.94 24.00 -17.03
C THR B 138 14.96 23.94 -15.90
N VAL B 139 15.57 22.77 -15.69
CA VAL B 139 16.59 22.64 -14.65
C VAL B 139 17.87 23.33 -15.07
N GLU B 140 18.22 23.26 -16.35
CA GLU B 140 19.42 23.94 -16.84
C GLU B 140 19.31 25.44 -16.66
N ARG B 141 18.12 26.00 -16.93
CA ARG B 141 17.93 27.43 -16.76
C ARG B 141 18.02 27.83 -15.29
N LEU B 142 17.46 27.00 -14.39
CA LEU B 142 17.49 27.34 -12.97
C LEU B 142 18.88 27.14 -12.39
N ARG B 143 19.60 26.09 -12.80
CA ARG B 143 20.94 25.86 -12.29
C ARG B 143 21.88 26.98 -12.71
N ALA B 144 21.79 27.42 -13.96
CA ALA B 144 22.63 28.52 -14.42
C ALA B 144 22.31 29.81 -13.68
N ALA B 145 21.09 29.93 -13.17
CA ALA B 145 20.66 31.11 -12.44
C ALA B 145 21.00 31.05 -10.95
N GLY B 146 21.62 29.98 -10.49
CA GLY B 146 21.98 29.85 -9.09
C GLY B 146 20.92 29.22 -8.21
N ALA B 147 19.83 28.73 -8.78
CA ALA B 147 18.82 28.02 -7.99
C ALA B 147 19.32 26.63 -7.62
N ILE B 148 18.92 26.18 -6.43
CA ILE B 148 19.40 24.93 -5.86
C ILE B 148 18.24 23.95 -5.78
N CYS B 149 18.42 22.78 -6.37
CA CYS B 149 17.41 21.71 -6.32
C CYS B 149 17.61 20.91 -5.06
N LEU B 150 16.62 20.93 -4.17
CA LEU B 150 16.72 20.17 -2.92
C LEU B 150 16.48 18.68 -3.15
N GLY B 151 15.67 18.33 -4.15
CA GLY B 151 15.39 16.95 -4.43
C GLY B 151 14.21 16.82 -5.36
N LYS B 152 13.76 15.57 -5.51
CA LYS B 152 12.69 15.22 -6.42
C LYS B 152 11.46 14.79 -5.63
N THR B 153 10.28 15.02 -6.21
CA THR B 153 9.02 14.81 -5.52
C THR B 153 8.29 13.58 -6.10
N ASN B 154 7.31 13.10 -5.31
CA ASN B 154 6.67 11.83 -5.60
C ASN B 154 5.70 11.95 -6.78
N MET B 155 5.42 10.79 -7.38
CA MET B 155 4.52 10.73 -8.53
C MET B 155 4.19 9.27 -8.86
N PRO B 156 3.04 8.99 -9.44
CA PRO B 156 2.73 7.63 -9.88
C PRO B 156 3.60 7.22 -11.06
N PRO B 157 3.68 5.92 -11.35
CA PRO B 157 4.59 5.46 -12.41
C PRO B 157 4.29 6.12 -13.75
N MET B 158 5.32 6.72 -14.33
CA MET B 158 5.26 7.33 -15.66
C MET B 158 4.23 8.46 -15.73
N ALA B 159 3.81 8.99 -14.58
CA ALA B 159 2.79 10.04 -14.51
C ALA B 159 1.47 9.61 -15.13
N ASN B 160 1.28 8.32 -15.34
CA ASN B 160 0.06 7.80 -15.97
C ASN B 160 -0.99 7.55 -14.89
N GLY B 161 -1.43 8.65 -14.27
CA GLY B 161 -2.42 8.56 -13.21
C GLY B 161 -2.34 9.77 -12.30
N GLY B 162 -2.70 9.54 -11.03
CA GLY B 162 -2.73 10.61 -10.06
C GLY B 162 -2.20 10.22 -8.70
N MET B 163 -3.03 9.57 -7.89
CA MET B 163 -2.69 9.22 -6.52
C MET B 163 -2.32 7.75 -6.35
N GLN B 164 -2.18 7.01 -7.45
CA GLN B 164 -1.70 5.65 -7.37
C GLN B 164 -0.24 5.64 -6.91
N ARG B 165 0.10 4.65 -6.10
CA ARG B 165 1.43 4.55 -5.53
C ARG B 165 2.42 4.01 -6.56
N GLY B 166 3.57 4.67 -6.66
CA GLY B 166 4.65 4.25 -7.51
C GLY B 166 5.78 3.59 -6.73
N VAL B 167 6.99 3.68 -7.27
CA VAL B 167 8.14 3.09 -6.59
C VAL B 167 8.42 3.80 -5.27
N TYR B 168 8.03 5.06 -5.15
CA TYR B 168 8.21 5.83 -3.92
C TYR B 168 6.92 5.99 -3.13
N GLY B 169 5.84 5.32 -3.55
CA GLY B 169 4.58 5.45 -2.87
C GLY B 169 3.77 6.64 -3.37
N ARG B 170 3.16 7.37 -2.44
CA ARG B 170 2.39 8.55 -2.78
C ARG B 170 2.55 9.60 -1.69
N ALA B 171 2.26 10.84 -2.03
CA ALA B 171 2.33 11.94 -1.10
C ALA B 171 0.97 12.15 -0.45
N GLU B 172 0.98 12.58 0.81
CA GLU B 172 -0.23 12.87 1.56
C GLU B 172 -0.47 14.37 1.63
N SER B 173 -1.70 14.73 1.98
CA SER B 173 -2.12 16.13 1.97
C SER B 173 -1.67 16.83 3.25
N PRO B 174 -1.11 18.03 3.17
CA PRO B 174 -0.78 18.78 4.39
C PRO B 174 -1.93 19.60 4.95
N TYR B 175 -3.10 19.57 4.31
CA TYR B 175 -4.27 20.31 4.78
C TYR B 175 -5.29 19.45 5.48
N ASN B 176 -5.45 18.19 5.06
CA ASN B 176 -6.41 17.29 5.70
C ASN B 176 -6.02 15.86 5.35
N ALA B 177 -5.62 15.08 6.37
CA ALA B 177 -5.20 13.71 6.13
C ALA B 177 -6.33 12.84 5.58
N ALA B 178 -7.58 13.26 5.75
CA ALA B 178 -8.71 12.47 5.31
C ALA B 178 -9.00 12.58 3.82
N TYR B 179 -8.30 13.46 3.09
CA TYR B 179 -8.57 13.69 1.69
C TYR B 179 -7.27 13.71 0.89
N LEU B 180 -7.38 13.39 -0.39
CA LEU B 180 -6.22 13.32 -1.26
C LEU B 180 -5.65 14.71 -1.52
N THR B 181 -4.34 14.75 -1.80
CA THR B 181 -3.67 15.99 -2.14
C THR B 181 -3.77 16.32 -3.62
N ALA B 182 -4.47 15.50 -4.39
CA ALA B 182 -4.62 15.72 -5.83
C ALA B 182 -5.74 14.80 -6.33
N PRO B 183 -6.29 15.08 -7.51
CA PRO B 183 -7.27 14.15 -8.10
C PRO B 183 -6.67 12.76 -8.25
N PHE B 184 -7.51 11.74 -8.04
CA PHE B 184 -7.01 10.38 -7.99
C PHE B 184 -6.57 9.87 -9.36
N ALA B 185 -7.29 10.25 -10.41
CA ALA B 185 -7.04 9.70 -11.74
C ALA B 185 -6.04 10.52 -12.56
N SER B 186 -6.00 11.84 -12.36
CA SER B 186 -5.05 12.70 -13.06
C SER B 186 -4.57 13.76 -12.08
N GLY B 187 -3.44 13.50 -11.45
CA GLY B 187 -2.83 14.40 -10.49
C GLY B 187 -1.45 13.91 -10.11
N SER B 188 -0.64 13.58 -11.11
CA SER B 188 0.62 12.87 -10.87
C SER B 188 1.65 13.73 -10.14
N SER B 189 1.52 15.06 -10.19
CA SER B 189 2.42 15.93 -9.45
C SER B 189 2.03 16.08 -7.98
N ASN B 190 1.60 14.99 -7.35
CA ASN B 190 1.11 15.08 -5.97
C ASN B 190 2.23 15.46 -5.01
N GLY B 191 3.44 14.98 -5.25
CA GLY B 191 4.55 15.36 -4.39
C GLY B 191 4.93 16.82 -4.53
N ALA B 192 4.86 17.34 -5.76
CA ALA B 192 5.20 18.74 -5.98
C ALA B 192 4.19 19.67 -5.32
N GLY B 193 2.91 19.28 -5.33
CA GLY B 193 1.90 20.11 -4.69
C GLY B 193 2.04 20.15 -3.18
N THR B 194 2.24 18.97 -2.57
CA THR B 194 2.38 18.90 -1.13
C THR B 194 3.62 19.65 -0.66
N ALA B 195 4.75 19.44 -1.35
CA ALA B 195 6.00 20.06 -0.92
C ALA B 195 5.95 21.57 -1.02
N THR B 196 5.40 22.10 -2.11
CA THR B 196 5.35 23.54 -2.28
C THR B 196 4.42 24.20 -1.27
N ALA B 197 3.26 23.58 -1.03
CA ALA B 197 2.30 24.16 -0.10
C ALA B 197 2.82 24.12 1.33
N ALA B 198 3.61 23.09 1.68
CA ALA B 198 4.14 22.94 3.02
C ALA B 198 5.48 23.65 3.19
N SER B 199 5.91 24.43 2.21
CA SER B 199 7.15 25.19 2.30
C SER B 199 8.35 24.28 2.55
N PHE B 200 8.37 23.13 1.88
CA PHE B 200 9.57 22.31 1.85
C PHE B 200 10.61 22.86 0.88
N ALA B 201 10.25 23.89 0.11
CA ALA B 201 11.18 24.62 -0.74
C ALA B 201 10.53 25.95 -1.09
N ALA B 202 11.26 26.80 -1.81
CA ALA B 202 10.72 28.09 -2.17
C ALA B 202 9.66 27.97 -3.26
N PHE B 203 9.91 27.11 -4.25
CA PHE B 203 8.93 26.83 -5.29
C PHE B 203 9.16 25.40 -5.77
N GLY B 204 8.31 24.96 -6.71
CA GLY B 204 8.40 23.61 -7.22
C GLY B 204 8.13 23.57 -8.70
N LEU B 205 8.55 22.46 -9.32
CA LEU B 205 8.34 22.21 -10.74
C LEU B 205 7.47 20.98 -10.90
N ALA B 206 6.44 21.09 -11.74
CA ALA B 206 5.52 19.98 -11.98
C ALA B 206 5.38 19.73 -13.48
N GLU B 207 4.46 18.85 -13.85
CA GLU B 207 4.24 18.51 -15.25
C GLU B 207 2.81 18.02 -15.39
N GLU B 208 2.23 18.26 -16.57
CA GLU B 208 0.82 17.93 -16.80
C GLU B 208 0.63 17.30 -18.16
N THR B 209 -0.14 16.21 -18.20
CA THR B 209 -0.61 15.59 -19.43
C THR B 209 -2.11 15.73 -19.60
N TRP B 210 -2.88 15.49 -18.54
CA TRP B 210 -4.31 15.80 -18.51
C TRP B 210 -4.55 16.93 -17.53
N SER B 211 -4.50 16.64 -16.23
CA SER B 211 -4.63 17.68 -15.20
C SER B 211 -3.62 17.46 -14.08
N SER B 212 -2.50 16.79 -14.39
CA SER B 212 -1.50 16.52 -13.36
C SER B 212 -0.85 17.78 -12.80
N GLY B 213 -1.06 18.93 -13.44
CA GLY B 213 -0.54 20.18 -12.93
C GLY B 213 -1.59 21.00 -12.20
N ARG B 214 -2.73 21.22 -12.86
CA ARG B 214 -3.79 22.01 -12.24
C ARG B 214 -4.42 21.28 -11.06
N GLY B 215 -4.46 19.95 -11.11
CA GLY B 215 -5.09 19.17 -10.08
C GLY B 215 -4.42 19.35 -8.73
N PRO B 216 -3.18 18.89 -8.61
CA PRO B 216 -2.46 19.06 -7.34
C PRO B 216 -2.39 20.51 -6.88
N ALA B 217 -2.30 21.46 -7.80
CA ALA B 217 -2.27 22.87 -7.40
C ALA B 217 -3.58 23.28 -6.74
N SER B 218 -4.70 22.74 -7.21
CA SER B 218 -6.00 23.11 -6.64
C SER B 218 -6.13 22.62 -5.20
N ASN B 219 -5.80 21.36 -4.95
CA ASN B 219 -5.96 20.77 -3.63
C ASN B 219 -4.94 21.30 -2.62
N ASN B 220 -3.96 22.09 -3.05
CA ASN B 220 -2.92 22.59 -2.16
C ASN B 220 -2.82 24.11 -2.15
N GLY B 221 -3.77 24.82 -2.76
CA GLY B 221 -3.78 26.26 -2.73
C GLY B 221 -2.54 26.89 -3.35
N LEU B 222 -2.18 26.45 -4.54
CA LEU B 222 -0.98 26.89 -5.21
C LEU B 222 -1.32 27.67 -6.47
N CYS B 223 -0.35 28.47 -6.92
CA CYS B 223 -0.41 29.12 -8.21
C CYS B 223 0.29 28.25 -9.23
N ALA B 224 -0.37 28.03 -10.37
CA ALA B 224 0.15 27.15 -11.41
C ALA B 224 -0.14 27.76 -12.77
N TYR B 225 0.74 27.51 -13.72
CA TYR B 225 0.65 28.08 -15.06
C TYR B 225 0.95 27.01 -16.08
N THR B 226 -0.05 26.68 -16.90
CA THR B 226 0.14 25.74 -17.99
C THR B 226 0.32 26.54 -19.27
N PRO B 227 1.53 26.61 -19.83
CA PRO B 227 1.77 27.51 -20.96
C PRO B 227 1.19 26.96 -22.27
N SER B 228 1.16 27.85 -23.27
CA SER B 228 0.81 27.43 -24.62
C SER B 228 1.91 26.54 -25.19
N ARG B 229 1.64 25.99 -26.37
CA ARG B 229 2.58 25.07 -27.00
C ARG B 229 3.90 25.75 -27.30
N GLY B 230 5.00 25.11 -26.92
CA GLY B 230 6.33 25.58 -27.26
C GLY B 230 6.83 26.75 -26.43
N VAL B 231 6.09 27.17 -25.41
CA VAL B 231 6.53 28.30 -24.60
C VAL B 231 7.63 27.88 -23.63
N ILE B 232 7.48 26.72 -23.00
CA ILE B 232 8.49 26.15 -22.11
C ILE B 232 8.93 24.82 -22.70
N SER B 233 10.21 24.69 -23.01
CA SER B 233 10.73 23.48 -23.62
C SER B 233 10.57 22.29 -22.69
N VAL B 234 10.20 21.16 -23.26
CA VAL B 234 10.01 19.92 -22.50
C VAL B 234 11.16 18.94 -22.73
N ARG B 235 12.29 19.43 -23.23
CA ARG B 235 13.46 18.58 -23.38
C ARG B 235 14.03 18.22 -22.01
N GLY B 236 14.25 16.93 -21.78
CA GLY B 236 14.71 16.44 -20.50
C GLY B 236 13.60 16.10 -19.52
N ASN B 237 12.34 16.21 -19.93
CA ASN B 237 11.21 15.80 -19.12
C ASN B 237 10.69 14.45 -19.60
N TRP B 238 10.47 13.54 -18.67
CA TRP B 238 9.87 12.26 -19.00
C TRP B 238 8.55 12.49 -19.74
N PRO B 239 8.43 12.08 -21.00
CA PRO B 239 7.18 12.28 -21.72
C PRO B 239 6.14 11.25 -21.33
N LEU B 240 4.88 11.58 -21.64
CA LEU B 240 3.78 10.63 -21.51
C LEU B 240 3.01 10.58 -22.82
N THR B 241 2.46 11.72 -23.23
CA THR B 241 1.80 11.87 -24.52
C THR B 241 2.44 13.08 -25.18
N PRO B 242 3.37 12.87 -26.13
CA PRO B 242 4.14 14.01 -26.66
C PRO B 242 3.30 15.18 -27.14
N THR B 243 2.06 14.95 -27.58
CA THR B 243 1.22 16.05 -28.05
C THR B 243 0.63 16.90 -26.92
N MET B 244 0.72 16.46 -25.67
CA MET B 244 0.05 17.12 -24.57
C MET B 244 0.95 17.48 -23.39
N ASP B 245 2.16 16.94 -23.31
CA ASP B 245 3.01 17.19 -22.16
C ASP B 245 3.47 18.65 -22.13
N VAL B 246 3.31 19.29 -20.97
CA VAL B 246 3.77 20.66 -20.77
C VAL B 246 4.40 20.78 -19.38
N VAL B 247 5.32 21.72 -19.25
CA VAL B 247 5.94 22.02 -17.97
C VAL B 247 5.03 22.96 -17.18
N VAL B 248 4.93 22.71 -15.88
CA VAL B 248 4.03 23.49 -15.03
C VAL B 248 4.78 23.87 -13.75
N PRO B 249 5.14 25.14 -13.56
CA PRO B 249 5.77 25.56 -12.32
C PRO B 249 4.74 25.85 -11.22
N TYR B 250 5.15 25.59 -9.98
CA TYR B 250 4.33 25.82 -8.80
C TYR B 250 4.93 26.94 -7.96
N ALA B 251 4.05 27.70 -7.32
CA ALA B 251 4.45 28.75 -6.41
C ALA B 251 3.29 29.08 -5.49
N ARG B 252 3.61 29.52 -4.28
CA ARG B 252 2.59 29.87 -3.30
C ARG B 252 1.96 31.24 -3.55
N SER B 253 2.47 32.01 -4.51
CA SER B 253 1.92 33.32 -4.80
C SER B 253 2.24 33.67 -6.25
N MET B 254 1.45 34.58 -6.81
CA MET B 254 1.66 34.99 -8.19
C MET B 254 2.98 35.73 -8.36
N ALA B 255 3.40 36.50 -7.35
CA ALA B 255 4.69 37.18 -7.44
C ALA B 255 5.82 36.18 -7.59
N ASP B 256 5.77 35.07 -6.84
CA ASP B 256 6.81 34.06 -6.96
C ASP B 256 6.75 33.36 -8.31
N LEU B 257 5.54 33.11 -8.82
CA LEU B 257 5.41 32.42 -10.09
C LEU B 257 6.02 33.25 -11.23
N LEU B 258 5.84 34.57 -11.18
CA LEU B 258 6.44 35.44 -12.19
C LEU B 258 7.96 35.46 -12.09
N GLU B 259 8.49 35.32 -10.87
CA GLU B 259 9.94 35.22 -10.70
C GLU B 259 10.49 34.01 -11.43
N ILE B 260 9.77 32.88 -11.39
CA ILE B 260 10.26 31.64 -11.98
C ILE B 260 10.24 31.73 -13.50
N LEU B 261 9.11 32.16 -14.07
CA LEU B 261 8.99 32.21 -15.52
C LEU B 261 10.01 33.16 -16.14
N ASP B 262 10.42 34.19 -15.41
CA ASP B 262 11.38 35.14 -15.94
C ASP B 262 12.72 34.48 -16.24
N VAL B 263 13.02 33.34 -15.63
CA VAL B 263 14.28 32.64 -15.82
C VAL B 263 14.13 31.45 -16.76
N VAL B 264 13.09 30.64 -16.55
CA VAL B 264 12.97 29.40 -17.31
C VAL B 264 12.51 29.66 -18.74
N VAL B 265 11.65 30.66 -18.95
CA VAL B 265 11.10 30.89 -20.28
C VAL B 265 12.20 31.50 -21.16
N ALA B 266 12.71 30.69 -22.09
CA ALA B 266 13.72 31.14 -23.03
C ALA B 266 13.81 30.11 -24.15
N ASP B 267 14.33 30.55 -25.30
CA ASP B 267 14.47 29.67 -26.43
C ASP B 267 15.47 28.55 -26.12
N ASP B 268 15.13 27.34 -26.56
CA ASP B 268 15.99 26.18 -26.38
C ASP B 268 16.53 25.75 -27.74
N PRO B 269 17.84 25.81 -27.99
CA PRO B 269 18.35 25.43 -29.31
C PRO B 269 18.15 23.96 -29.63
N ASP B 270 18.23 23.08 -28.63
CA ASP B 270 18.03 21.65 -28.84
C ASP B 270 16.54 21.36 -28.76
N THR B 271 15.96 20.93 -29.88
CA THR B 271 14.53 20.66 -29.97
C THR B 271 14.18 19.18 -29.82
N ARG B 272 15.17 18.35 -29.50
CA ARG B 272 14.94 16.91 -29.41
C ARG B 272 13.94 16.59 -28.30
N GLY B 273 12.92 15.80 -28.64
CA GLY B 273 11.90 15.40 -27.69
C GLY B 273 10.66 16.28 -27.69
N ASP B 274 10.81 17.58 -27.96
CA ASP B 274 9.67 18.49 -28.00
C ASP B 274 9.04 18.38 -29.38
N LEU B 275 7.91 17.66 -29.46
CA LEU B 275 7.29 17.39 -30.76
C LEU B 275 6.81 18.68 -31.42
N TRP B 276 6.23 19.59 -30.65
CA TRP B 276 5.63 20.78 -31.23
C TRP B 276 6.68 21.76 -31.75
N ARG B 277 7.89 21.73 -31.18
CA ARG B 277 8.98 22.54 -31.70
C ARG B 277 9.77 21.82 -32.79
N MET B 278 9.52 20.53 -33.01
CA MET B 278 10.14 19.77 -34.10
C MET B 278 9.27 19.74 -35.35
N GLN B 279 7.96 19.65 -35.16
CA GLN B 279 7.08 19.46 -36.31
C GLN B 279 7.09 20.70 -37.21
N PRO B 280 7.06 20.52 -38.53
CA PRO B 280 7.04 21.67 -39.44
C PRO B 280 5.66 22.02 -39.95
N TRP B 281 4.67 21.17 -39.64
CA TRP B 281 3.36 21.30 -40.24
C TRP B 281 2.53 22.42 -39.62
N VAL B 282 2.70 22.68 -38.33
CA VAL B 282 1.96 23.71 -37.62
C VAL B 282 2.94 24.78 -37.18
N PRO B 283 2.68 26.06 -37.48
CA PRO B 283 3.61 27.12 -37.03
C PRO B 283 3.51 27.33 -35.53
N ILE B 284 4.68 27.37 -34.88
CA ILE B 284 4.77 27.58 -33.44
C ILE B 284 5.70 28.78 -33.21
N PRO B 285 5.25 29.84 -32.55
CA PRO B 285 6.14 30.98 -32.30
C PRO B 285 7.21 30.63 -31.27
N LYS B 286 8.36 31.26 -31.41
CA LYS B 286 9.45 31.04 -30.48
C LYS B 286 9.06 31.51 -29.08
N ALA B 287 9.69 30.92 -28.07
CA ALA B 287 9.40 31.31 -26.69
C ALA B 287 9.74 32.78 -26.46
N SER B 288 10.84 33.26 -27.05
CA SER B 288 11.22 34.66 -26.89
C SER B 288 10.22 35.61 -27.53
N GLU B 289 9.40 35.13 -28.46
CA GLU B 289 8.42 35.99 -29.11
C GLU B 289 7.10 36.10 -28.35
N VAL B 290 6.79 35.14 -27.49
CA VAL B 290 5.51 35.11 -26.79
C VAL B 290 5.66 35.72 -25.40
N ARG B 291 6.83 35.56 -24.80
CA ARG B 291 7.01 36.01 -23.43
C ARG B 291 7.11 37.54 -23.38
N PRO B 292 6.70 38.14 -22.27
CA PRO B 292 6.89 39.59 -22.09
C PRO B 292 8.33 39.92 -21.74
N ALA B 293 8.61 41.23 -21.73
CA ALA B 293 9.94 41.69 -21.32
C ALA B 293 10.24 41.31 -19.88
N SER B 294 9.28 41.53 -18.98
CA SER B 294 9.46 41.23 -17.56
C SER B 294 8.19 40.57 -17.04
N TYR B 295 8.30 39.32 -16.61
CA TYR B 295 7.16 38.65 -16.01
C TYR B 295 6.68 39.31 -14.74
N PRO B 296 7.54 39.70 -13.80
CA PRO B 296 7.05 40.39 -12.58
C PRO B 296 6.28 41.66 -12.88
N ALA B 297 6.47 42.28 -14.05
CA ALA B 297 5.72 43.47 -14.41
C ALA B 297 4.26 43.15 -14.72
N LEU B 298 3.92 41.89 -14.95
CA LEU B 298 2.54 41.52 -15.24
C LEU B 298 1.66 41.62 -14.00
N ALA B 299 2.25 41.66 -12.81
CA ALA B 299 1.46 41.80 -11.60
C ALA B 299 0.71 43.13 -11.59
N ALA B 300 -0.52 43.11 -11.09
CA ALA B 300 -1.35 44.30 -11.07
C ALA B 300 -2.43 44.14 -10.02
N GLY B 301 -3.02 45.27 -9.64
CA GLY B 301 -4.13 45.27 -8.70
C GLY B 301 -5.45 44.99 -9.39
N ALA B 302 -6.53 45.30 -8.69
CA ALA B 302 -7.86 45.07 -9.21
C ALA B 302 -8.17 45.90 -10.46
N GLU B 303 -7.34 46.90 -10.76
CA GLU B 303 -7.59 47.73 -11.93
C GLU B 303 -7.51 46.93 -13.22
N ALA B 304 -6.70 45.86 -13.25
CA ALA B 304 -6.57 45.05 -14.44
C ALA B 304 -7.84 44.27 -14.79
N LEU B 305 -8.80 44.20 -13.86
CA LEU B 305 -10.04 43.48 -14.09
C LEU B 305 -11.21 44.39 -14.48
N ALA B 306 -11.02 45.70 -14.47
CA ALA B 306 -12.10 46.63 -14.74
C ALA B 306 -12.47 46.60 -16.22
N GLY B 307 -13.77 46.49 -16.50
CA GLY B 307 -14.26 46.46 -17.87
C GLY B 307 -14.02 45.17 -18.62
N LYS B 308 -13.64 44.11 -17.92
CA LYS B 308 -13.34 42.82 -18.55
C LYS B 308 -14.57 41.91 -18.50
N ARG B 309 -14.65 41.03 -19.49
CA ARG B 309 -15.73 40.06 -19.59
C ARG B 309 -15.16 38.66 -19.41
N PHE B 310 -15.63 37.96 -18.38
CA PHE B 310 -15.18 36.61 -18.05
C PHE B 310 -16.37 35.67 -18.13
N GLY B 311 -16.18 34.52 -18.79
CA GLY B 311 -17.23 33.53 -18.95
C GLY B 311 -16.97 32.31 -18.07
N VAL B 312 -18.00 31.88 -17.36
CA VAL B 312 -17.92 30.74 -16.47
C VAL B 312 -18.81 29.63 -17.05
N PRO B 313 -18.28 28.46 -17.38
CA PRO B 313 -19.14 27.37 -17.86
C PRO B 313 -20.14 26.95 -16.80
N ARG B 314 -21.42 26.87 -17.21
CA ARG B 314 -22.45 26.41 -16.29
C ARG B 314 -22.17 25.00 -15.80
N MET B 315 -21.51 24.18 -16.61
CA MET B 315 -21.27 22.79 -16.25
C MET B 315 -20.37 22.65 -15.03
N PHE B 316 -19.70 23.72 -14.61
CA PHE B 316 -18.78 23.67 -13.48
C PHE B 316 -19.29 24.40 -12.25
N ILE B 317 -20.55 24.84 -12.25
CA ILE B 317 -21.12 25.54 -11.09
C ILE B 317 -22.54 25.06 -10.85
N ASN B 318 -22.81 23.79 -11.15
CA ASN B 318 -24.12 23.18 -10.87
C ASN B 318 -25.26 23.98 -11.49
N ALA B 319 -25.07 24.40 -12.74
CA ALA B 319 -26.07 25.21 -13.43
C ALA B 319 -26.33 24.72 -14.85
N ASP B 320 -25.95 23.48 -15.17
CA ASP B 320 -26.10 22.92 -16.51
C ASP B 320 -26.83 21.58 -16.40
N PRO B 321 -28.15 21.59 -16.29
CA PRO B 321 -28.90 20.32 -16.24
C PRO B 321 -28.82 19.53 -17.54
N ASP B 322 -28.51 20.17 -18.68
CA ASP B 322 -28.43 19.46 -19.93
C ASP B 322 -27.18 18.59 -20.05
N ALA B 323 -26.22 18.75 -19.15
CA ALA B 323 -24.99 17.97 -19.21
C ALA B 323 -25.30 16.50 -18.95
N GLY B 324 -24.91 15.63 -19.87
CA GLY B 324 -25.13 14.21 -19.73
C GLY B 324 -26.50 13.73 -20.17
N THR B 325 -27.17 14.46 -21.05
CA THR B 325 -28.51 14.13 -21.50
C THR B 325 -28.53 13.51 -22.90
N SER B 326 -27.37 13.22 -23.47
CA SER B 326 -27.32 12.53 -24.75
C SER B 326 -27.52 11.03 -24.53
N GLU B 327 -27.57 10.27 -25.64
CA GLU B 327 -27.84 8.84 -25.54
C GLU B 327 -26.69 8.11 -24.87
N SER B 328 -25.48 8.25 -25.41
CA SER B 328 -24.28 7.60 -24.87
C SER B 328 -23.20 8.66 -24.67
N PRO B 329 -23.30 9.46 -23.62
CA PRO B 329 -22.35 10.56 -23.43
C PRO B 329 -20.97 10.07 -23.04
N GLY B 330 -19.97 10.89 -23.33
CA GLY B 330 -18.62 10.64 -22.91
C GLY B 330 -17.78 9.93 -23.97
N ILE B 331 -16.50 9.77 -23.64
CA ILE B 331 -15.55 9.07 -24.50
C ILE B 331 -14.73 8.12 -23.62
N GLY B 332 -15.37 7.55 -22.62
CA GLY B 332 -14.70 6.66 -21.68
C GLY B 332 -14.67 7.27 -20.30
N GLY B 333 -14.83 6.42 -19.28
CA GLY B 333 -14.85 6.88 -17.92
C GLY B 333 -16.05 7.74 -17.61
N PRO B 334 -15.94 8.64 -16.63
CA PRO B 334 -17.06 9.51 -16.27
C PRO B 334 -17.21 10.73 -17.17
N THR B 335 -16.53 10.78 -18.32
CA THR B 335 -16.62 11.93 -19.19
C THR B 335 -18.04 12.09 -19.72
N GLY B 336 -18.37 13.33 -20.08
CA GLY B 336 -19.68 13.62 -20.63
C GLY B 336 -20.84 13.52 -19.66
N GLN B 337 -20.58 13.43 -18.37
CA GLN B 337 -21.62 13.27 -17.36
C GLN B 337 -21.77 14.56 -16.55
N ARG B 338 -22.96 14.71 -15.97
CA ARG B 338 -23.25 15.88 -15.14
C ARG B 338 -22.30 15.93 -13.96
N ILE B 339 -21.80 17.13 -13.66
CA ILE B 339 -20.82 17.34 -12.60
C ILE B 339 -21.54 17.89 -11.37
N HIS B 340 -21.37 17.22 -10.24
CA HIS B 340 -21.96 17.67 -8.97
C HIS B 340 -20.86 18.33 -8.16
N THR B 341 -20.84 19.66 -8.17
CA THR B 341 -19.83 20.41 -7.44
C THR B 341 -20.19 20.46 -5.96
N ARG B 342 -19.19 20.27 -5.11
CA ARG B 342 -19.41 20.29 -3.67
C ARG B 342 -19.98 21.64 -3.25
N PRO B 343 -20.98 21.66 -2.36
CA PRO B 343 -21.58 22.95 -1.98
C PRO B 343 -20.58 23.94 -1.40
N SER B 344 -19.62 23.47 -0.59
CA SER B 344 -18.61 24.37 -0.04
C SER B 344 -17.74 24.97 -1.14
N VAL B 345 -17.62 24.30 -2.29
CA VAL B 345 -16.88 24.87 -3.41
C VAL B 345 -17.72 25.94 -4.11
N ILE B 346 -19.04 25.73 -4.17
CA ILE B 346 -19.92 26.71 -4.78
C ILE B 346 -19.89 28.01 -3.99
N ALA B 347 -19.86 27.91 -2.66
CA ALA B 347 -19.84 29.11 -1.83
C ALA B 347 -18.58 29.93 -2.07
N LEU B 348 -17.45 29.26 -2.30
CA LEU B 348 -16.21 29.96 -2.57
C LEU B 348 -16.23 30.60 -3.95
N TRP B 349 -16.84 29.92 -4.93
CA TRP B 349 -16.99 30.53 -6.25
C TRP B 349 -17.87 31.78 -6.18
N GLU B 350 -18.92 31.73 -5.35
CA GLU B 350 -19.78 32.90 -5.19
C GLU B 350 -19.00 34.07 -4.62
N GLN B 351 -18.12 33.81 -3.65
CA GLN B 351 -17.28 34.87 -3.12
C GLN B 351 -16.26 35.32 -4.16
N ALA B 352 -15.80 34.41 -5.02
CA ALA B 352 -14.87 34.78 -6.07
C ALA B 352 -15.55 35.64 -7.13
N ARG B 353 -16.79 35.32 -7.47
CA ARG B 353 -17.50 36.11 -8.46
C ARG B 353 -17.76 37.53 -7.96
N LYS B 354 -18.16 37.67 -6.70
CA LYS B 354 -18.37 39.01 -6.15
C LYS B 354 -17.10 39.83 -6.21
N ALA B 355 -15.96 39.23 -5.86
CA ALA B 355 -14.70 39.97 -5.90
C ALA B 355 -14.39 40.42 -7.33
N LEU B 356 -14.65 39.56 -8.31
CA LEU B 356 -14.43 39.93 -9.71
C LEU B 356 -15.36 41.05 -10.13
N GLU B 357 -16.65 40.94 -9.77
CA GLU B 357 -17.61 41.97 -10.13
C GLU B 357 -17.34 43.27 -9.39
N ALA B 358 -16.89 43.18 -8.13
CA ALA B 358 -16.55 44.37 -7.37
C ALA B 358 -15.35 45.11 -7.94
N ALA B 359 -14.58 44.45 -8.80
CA ALA B 359 -13.43 45.08 -9.45
C ALA B 359 -13.79 45.64 -10.83
N GLY B 360 -15.07 45.70 -11.16
CA GLY B 360 -15.51 46.23 -12.44
C GLY B 360 -15.56 45.23 -13.57
N ALA B 361 -15.44 43.94 -13.28
CA ALA B 361 -15.50 42.91 -14.30
C ALA B 361 -16.92 42.39 -14.46
N GLU B 362 -17.16 41.73 -15.59
CA GLU B 362 -18.45 41.14 -15.91
C GLU B 362 -18.27 39.63 -16.02
N VAL B 363 -18.99 38.89 -15.18
CA VAL B 363 -18.96 37.43 -15.19
C VAL B 363 -20.26 36.95 -15.83
N ILE B 364 -20.14 36.15 -16.88
CA ILE B 364 -21.29 35.65 -17.63
C ILE B 364 -21.27 34.12 -17.61
N GLU B 365 -22.42 33.53 -17.33
CA GLU B 365 -22.57 32.08 -17.40
C GLU B 365 -22.78 31.67 -18.85
N VAL B 366 -21.92 30.77 -19.36
CA VAL B 366 -21.91 30.40 -20.76
C VAL B 366 -21.76 28.88 -20.86
N ASP B 367 -21.93 28.38 -22.08
CA ASP B 367 -21.62 26.98 -22.38
C ASP B 367 -20.11 26.81 -22.46
N PHE B 368 -19.67 25.59 -22.79
CA PHE B 368 -18.25 25.31 -22.98
C PHE B 368 -18.09 24.28 -24.09
N PRO B 369 -18.21 24.72 -25.35
CA PRO B 369 -18.10 23.75 -26.46
C PRO B 369 -16.77 23.05 -26.51
N LEU B 370 -15.71 23.63 -25.96
CA LEU B 370 -14.41 22.96 -25.94
C LEU B 370 -14.51 21.60 -25.25
N VAL B 371 -15.33 21.51 -24.20
CA VAL B 371 -15.53 20.23 -23.50
C VAL B 371 -16.70 19.45 -24.09
N SER B 372 -17.79 20.14 -24.44
CA SER B 372 -18.99 19.46 -24.89
C SER B 372 -18.77 18.81 -26.26
N ASN B 373 -18.09 19.50 -27.17
CA ASN B 373 -17.79 18.95 -28.48
C ASN B 373 -16.68 17.91 -28.44
N CYS B 374 -15.99 17.77 -27.32
CA CYS B 374 -14.99 16.73 -27.14
C CYS B 374 -15.59 15.46 -26.57
N GLU B 375 -16.55 15.59 -25.64
CA GLU B 375 -17.14 14.46 -24.94
C GLU B 375 -18.57 14.14 -25.37
N GLY B 376 -19.19 15.00 -26.19
CA GLY B 376 -20.56 14.76 -26.62
C GLY B 376 -21.51 14.49 -25.48
N ASP B 377 -21.76 15.51 -24.67
CA ASP B 377 -22.53 15.37 -23.43
C ASP B 377 -23.98 15.81 -23.58
N ARG B 378 -24.40 16.21 -24.77
CA ARG B 378 -25.76 16.70 -24.98
C ARG B 378 -26.16 16.41 -26.41
N PRO B 379 -27.47 16.39 -26.71
CA PRO B 379 -27.91 16.05 -28.07
C PRO B 379 -27.28 16.96 -29.11
N GLY B 380 -26.84 16.36 -30.22
CA GLY B 380 -26.21 17.08 -31.29
C GLY B 380 -24.72 17.32 -31.13
N ALA B 381 -24.21 17.25 -29.91
CA ALA B 381 -22.78 17.52 -29.68
C ALA B 381 -21.95 16.33 -30.14
N PRO B 382 -20.97 16.52 -31.01
CA PRO B 382 -20.11 15.42 -31.43
C PRO B 382 -19.04 15.14 -30.39
N THR B 383 -18.26 14.10 -30.63
CA THR B 383 -17.09 13.77 -29.82
C THR B 383 -15.84 13.88 -30.68
N VAL B 384 -14.69 13.92 -30.01
CA VAL B 384 -13.42 13.98 -30.73
C VAL B 384 -13.25 12.77 -31.62
N PHE B 385 -13.88 11.64 -31.28
CA PHE B 385 -13.73 10.42 -32.07
C PHE B 385 -14.61 10.38 -33.30
N ASN B 386 -15.71 11.12 -33.33
CA ASN B 386 -16.64 11.09 -34.46
C ASN B 386 -16.81 12.44 -35.15
N ARG B 387 -16.12 13.49 -34.70
CA ARG B 387 -16.32 14.81 -35.30
C ARG B 387 -15.71 14.90 -36.68
N GLY B 388 -14.58 14.21 -36.91
CA GLY B 388 -13.92 14.22 -38.19
C GLY B 388 -12.83 15.27 -38.37
N LEU B 389 -12.60 16.11 -37.36
CA LEU B 389 -11.51 17.08 -37.46
C LEU B 389 -10.16 16.40 -37.31
N VAL B 390 -10.09 15.39 -36.44
CA VAL B 390 -8.90 14.54 -36.33
C VAL B 390 -9.33 13.09 -36.59
N SER B 391 -8.48 12.35 -37.28
CA SER B 391 -8.81 10.97 -37.63
C SER B 391 -8.77 10.08 -36.41
N LYS B 392 -9.53 8.98 -36.47
CA LYS B 392 -9.46 7.97 -35.41
C LYS B 392 -8.10 7.29 -35.40
N GLU B 393 -7.49 7.11 -36.57
CA GLU B 393 -6.18 6.46 -36.62
C GLU B 393 -5.10 7.34 -36.01
N PHE B 394 -5.28 8.66 -36.04
CA PHE B 394 -4.35 9.55 -35.36
C PHE B 394 -4.46 9.43 -33.85
N LEU B 395 -5.69 9.44 -33.33
CA LEU B 395 -5.89 9.25 -31.90
C LEU B 395 -5.32 7.93 -31.43
N HIS B 396 -5.40 6.88 -32.26
CA HIS B 396 -4.75 5.62 -31.93
C HIS B 396 -3.23 5.78 -31.95
N ASP B 397 -2.71 6.40 -33.01
CA ASP B 397 -1.27 6.65 -33.08
C ASP B 397 -0.82 7.62 -31.99
N GLU B 398 -1.71 8.53 -31.58
CA GLU B 398 -1.33 9.54 -30.60
C GLU B 398 -1.04 8.93 -29.24
N LEU B 399 -1.66 7.80 -28.91
CA LEU B 399 -1.49 7.19 -27.59
C LEU B 399 -0.70 5.89 -27.61
N TRP B 400 -0.35 5.35 -28.79
CA TRP B 400 0.43 4.12 -28.86
C TRP B 400 1.80 4.36 -29.48
N GLU B 401 1.84 4.52 -30.81
CA GLU B 401 3.12 4.63 -31.50
C GLU B 401 3.87 5.90 -31.12
N LEU B 402 3.16 7.02 -30.99
CA LEU B 402 3.82 8.28 -30.69
C LEU B 402 4.41 8.27 -29.28
N SER B 403 3.68 7.68 -28.32
CA SER B 403 4.19 7.62 -26.96
C SER B 403 5.34 6.62 -26.84
N ALA B 404 5.24 5.49 -27.55
CA ALA B 404 6.34 4.53 -27.55
C ALA B 404 7.62 5.16 -28.07
N TRP B 405 7.51 5.97 -29.13
CA TRP B 405 8.65 6.73 -29.61
C TRP B 405 9.10 7.74 -28.55
N GLY B 406 8.16 8.38 -27.88
CA GLY B 406 8.51 9.34 -26.85
C GLY B 406 9.32 8.72 -25.74
N PHE B 407 8.90 7.53 -25.27
CA PHE B 407 9.67 6.84 -24.24
C PHE B 407 11.04 6.44 -24.75
N ASP B 408 11.11 5.90 -25.97
CA ASP B 408 12.38 5.40 -26.48
C ASP B 408 13.35 6.54 -26.75
N ASP B 409 12.90 7.61 -27.40
CA ASP B 409 13.79 8.70 -27.72
C ASP B 409 14.26 9.42 -26.46
N PHE B 410 13.44 9.45 -25.41
CA PHE B 410 13.88 10.04 -24.15
C PHE B 410 15.02 9.25 -23.55
N LEU B 411 14.93 7.92 -23.58
CA LEU B 411 16.00 7.08 -23.05
C LEU B 411 17.25 7.17 -23.92
N ARG B 412 17.08 7.27 -25.24
CA ARG B 412 18.22 7.40 -26.13
C ARG B 412 18.92 8.74 -25.91
N ALA B 413 18.15 9.82 -25.72
CA ALA B 413 18.76 11.13 -25.55
C ALA B 413 19.51 11.24 -24.23
N ASN B 414 18.94 10.70 -23.16
CA ASN B 414 19.61 10.74 -21.86
C ASN B 414 20.95 10.01 -21.92
N GLY B 415 20.94 8.80 -22.47
CA GLY B 415 22.18 8.08 -22.72
C GLY B 415 22.79 7.39 -21.52
N ASP B 416 21.97 6.81 -20.67
CA ASP B 416 22.50 6.02 -19.55
C ASP B 416 23.07 4.71 -20.08
N PRO B 417 24.38 4.44 -19.91
CA PRO B 417 24.92 3.17 -20.42
C PRO B 417 24.23 1.94 -19.88
N LYS B 418 23.66 2.03 -18.68
CA LYS B 418 22.97 0.87 -18.10
C LYS B 418 21.61 0.64 -18.73
N LEU B 419 20.97 1.69 -19.25
CA LEU B 419 19.61 1.57 -19.79
C LEU B 419 19.35 2.79 -20.66
N ASN B 420 19.46 2.63 -21.99
CA ASN B 420 19.22 3.71 -22.93
C ASN B 420 18.31 3.28 -24.08
N ARG B 421 17.60 2.16 -23.92
CA ARG B 421 16.69 1.68 -24.94
C ARG B 421 15.42 1.17 -24.28
N LEU B 422 14.27 1.55 -24.84
CA LEU B 422 13.00 1.10 -24.30
C LEU B 422 12.81 -0.41 -24.44
N ALA B 423 13.43 -1.01 -25.46
CA ALA B 423 13.29 -2.45 -25.66
C ALA B 423 13.91 -3.27 -24.53
N ASP B 424 14.88 -2.71 -23.81
CA ASP B 424 15.56 -3.40 -22.73
C ASP B 424 14.97 -3.07 -21.35
N VAL B 425 13.74 -2.56 -21.32
CA VAL B 425 13.09 -2.15 -20.08
C VAL B 425 12.22 -3.31 -19.59
N ASP B 426 12.19 -3.48 -18.26
CA ASP B 426 11.34 -4.49 -17.64
C ASP B 426 9.88 -4.07 -17.81
N GLY B 427 9.21 -4.64 -18.82
CA GLY B 427 7.86 -4.26 -19.17
C GLY B 427 6.88 -4.34 -18.02
N PRO B 428 6.70 -5.53 -17.44
CA PRO B 428 5.74 -5.68 -16.35
C PRO B 428 6.00 -4.78 -15.15
N GLN B 429 7.18 -4.17 -15.04
CA GLN B 429 7.51 -3.32 -13.91
C GLN B 429 7.33 -1.84 -14.22
N ILE B 430 6.86 -1.49 -15.41
CA ILE B 430 6.65 -0.08 -15.73
C ILE B 430 5.55 0.51 -14.87
N PHE B 431 4.46 -0.22 -14.69
CA PHE B 431 3.32 0.23 -13.88
C PHE B 431 2.64 -0.99 -13.27
N PRO B 432 3.21 -1.53 -12.21
CA PRO B 432 2.54 -2.64 -11.52
C PRO B 432 1.42 -2.15 -10.62
N HIS B 433 0.35 -2.94 -10.56
CA HIS B 433 -0.79 -2.58 -9.74
C HIS B 433 -0.47 -2.75 -8.26
N ASP B 434 -1.03 -1.86 -7.44
CA ASP B 434 -0.85 -1.90 -6.00
C ASP B 434 -1.74 -2.99 -5.40
N PRO B 435 -1.17 -4.08 -4.88
CA PRO B 435 -2.01 -5.15 -4.34
C PRO B 435 -2.82 -4.66 -3.15
N GLY B 436 -4.09 -5.10 -3.09
CA GLY B 436 -4.99 -4.71 -2.03
C GLY B 436 -5.86 -3.52 -2.37
N THR B 437 -5.52 -2.74 -3.39
CA THR B 437 -6.31 -1.60 -3.80
C THR B 437 -7.36 -2.03 -4.82
N LEU B 438 -8.36 -1.17 -5.00
CA LEU B 438 -9.42 -1.44 -5.95
C LEU B 438 -8.89 -1.35 -7.38
N PRO B 439 -9.42 -2.17 -8.29
CA PRO B 439 -8.90 -2.17 -9.66
C PRO B 439 -9.15 -0.85 -10.38
N ASN B 440 -8.26 -0.54 -11.32
CA ASN B 440 -8.36 0.68 -12.09
C ASN B 440 -9.59 0.65 -13.00
N ARG B 441 -10.23 1.81 -13.17
CA ARG B 441 -11.43 1.92 -13.99
C ARG B 441 -11.11 2.14 -15.46
N GLU B 442 -10.05 2.92 -15.75
CA GLU B 442 -9.65 3.11 -17.13
C GLU B 442 -9.23 1.80 -17.79
N GLY B 443 -8.69 0.87 -17.00
CA GLY B 443 -8.26 -0.41 -17.52
C GLY B 443 -6.99 -0.92 -16.87
N ASP B 444 -6.58 -2.13 -17.22
CA ASP B 444 -5.34 -2.68 -16.69
C ASP B 444 -4.16 -1.85 -17.16
N LEU B 445 -3.26 -1.53 -16.25
CA LEU B 445 -2.07 -0.73 -16.56
C LEU B 445 -0.77 -1.51 -16.48
N ALA B 446 -0.79 -2.72 -15.92
CA ALA B 446 0.41 -3.55 -15.88
C ALA B 446 0.75 -4.09 -17.27
N ALA B 447 -0.21 -4.74 -17.92
CA ALA B 447 -0.02 -5.24 -19.27
C ALA B 447 -0.08 -4.13 -20.31
N GLY B 448 -0.82 -3.05 -20.02
CA GLY B 448 -0.89 -1.96 -20.98
C GLY B 448 0.43 -1.25 -21.18
N MET B 449 1.16 -1.00 -20.09
CA MET B 449 2.48 -0.39 -20.19
C MET B 449 3.50 -1.37 -20.72
N ASP B 450 3.34 -2.65 -20.40
CA ASP B 450 4.22 -3.67 -20.96
C ASP B 450 4.16 -3.69 -22.48
N GLU B 451 3.04 -3.27 -23.07
CA GLU B 451 2.90 -3.28 -24.52
C GLU B 451 3.92 -2.38 -25.19
N TYR B 452 4.29 -1.27 -24.55
CA TYR B 452 5.27 -0.36 -25.13
C TYR B 452 6.63 -1.03 -25.29
N VAL B 453 6.98 -1.95 -24.39
CA VAL B 453 8.21 -2.71 -24.54
C VAL B 453 8.07 -3.70 -25.69
N ARG B 454 6.90 -4.31 -25.83
CA ARG B 454 6.67 -5.20 -26.97
C ARG B 454 6.83 -4.43 -28.28
N MET B 455 6.34 -3.20 -28.33
CA MET B 455 6.46 -2.40 -29.54
C MET B 455 7.92 -2.03 -29.82
N ALA B 456 8.69 -1.77 -28.76
CA ALA B 456 10.10 -1.40 -28.93
C ALA B 456 10.91 -2.58 -29.44
N GLU B 457 10.49 -3.80 -29.14
CA GLU B 457 11.21 -4.98 -29.63
C GLU B 457 10.87 -5.29 -31.08
N ARG B 458 9.66 -4.96 -31.52
CA ARG B 458 9.25 -5.17 -32.90
C ARG B 458 9.70 -4.04 -33.83
N GLY B 459 10.05 -2.89 -33.27
CA GLY B 459 10.48 -1.75 -34.07
C GLY B 459 9.55 -0.56 -33.92
N ILE B 460 10.11 0.58 -33.49
CA ILE B 460 9.35 1.82 -33.30
C ILE B 460 9.67 2.76 -34.45
N LYS B 461 8.63 3.32 -35.06
CA LYS B 461 8.84 4.33 -36.09
C LYS B 461 8.99 5.71 -35.46
N PRO B 462 9.91 6.53 -35.96
CA PRO B 462 10.10 7.87 -35.38
C PRO B 462 8.91 8.78 -35.66
N TRP B 463 8.93 9.93 -34.99
CA TRP B 463 7.82 10.87 -35.10
C TRP B 463 7.57 11.29 -36.54
N ASP B 464 8.64 11.52 -37.30
CA ASP B 464 8.52 12.08 -38.64
C ASP B 464 8.04 11.05 -39.66
N ARG B 465 7.88 9.78 -39.26
CA ARG B 465 7.41 8.72 -40.16
C ARG B 465 6.00 8.25 -39.84
N ILE B 466 5.33 8.89 -38.89
CA ILE B 466 3.93 8.57 -38.59
C ILE B 466 3.07 9.30 -39.61
N ALA B 467 2.39 8.55 -40.48
CA ALA B 467 1.70 9.16 -41.60
C ALA B 467 0.52 10.03 -41.14
N THR B 468 -0.14 9.65 -40.05
CA THR B 468 -1.31 10.37 -39.57
C THR B 468 -0.97 11.60 -38.75
N LEU B 469 0.31 11.92 -38.57
CA LEU B 469 0.70 13.00 -37.67
C LEU B 469 0.43 14.37 -38.28
N PRO B 470 0.80 14.62 -39.55
CA PRO B 470 0.58 15.97 -40.08
C PRO B 470 -0.87 16.42 -40.03
N ASP B 471 -1.81 15.55 -40.40
CA ASP B 471 -3.22 15.92 -40.36
C ASP B 471 -3.73 16.02 -38.93
N GLY B 472 -3.25 15.15 -38.05
CA GLY B 472 -3.71 15.18 -36.67
C GLY B 472 -3.35 16.48 -35.96
N LEU B 473 -2.10 16.93 -36.15
CA LEU B 473 -1.67 18.15 -35.48
C LEU B 473 -2.42 19.36 -36.03
N ARG B 474 -2.63 19.43 -37.35
CA ARG B 474 -3.42 20.51 -37.90
C ARG B 474 -4.88 20.43 -37.46
N GLY B 475 -5.39 19.21 -37.26
CA GLY B 475 -6.77 19.06 -36.81
C GLY B 475 -6.96 19.47 -35.36
N LEU B 476 -5.94 19.25 -34.52
CA LEU B 476 -6.04 19.67 -33.13
C LEU B 476 -6.14 21.19 -33.02
N GLU B 477 -5.29 21.91 -33.76
CA GLU B 477 -5.30 23.36 -33.72
C GLU B 477 -6.61 23.91 -34.27
N GLU B 478 -7.15 23.29 -35.33
CA GLU B 478 -8.42 23.75 -35.88
C GLU B 478 -9.55 23.59 -34.88
N THR B 479 -9.51 22.51 -34.08
CA THR B 479 -10.55 22.31 -33.08
C THR B 479 -10.55 23.46 -32.06
N ARG B 480 -9.37 23.90 -31.64
CA ARG B 480 -9.30 25.02 -30.70
C ARG B 480 -9.82 26.30 -31.34
N ARG B 481 -9.55 26.48 -32.63
CA ARG B 481 -10.01 27.68 -33.32
C ARG B 481 -11.53 27.75 -33.35
N ILE B 482 -12.20 26.61 -33.59
CA ILE B 482 -13.65 26.59 -33.68
C ILE B 482 -14.28 26.69 -32.30
N ASP B 483 -13.81 25.86 -31.36
CA ASP B 483 -14.48 25.73 -30.08
C ASP B 483 -14.13 26.85 -29.10
N LEU B 484 -12.96 27.47 -29.24
CA LEU B 484 -12.48 28.44 -28.25
C LEU B 484 -12.14 29.78 -28.85
N GLU B 485 -11.26 29.83 -29.86
CA GLU B 485 -10.75 31.12 -30.33
C GLU B 485 -11.87 31.95 -30.95
N GLU B 486 -12.50 31.42 -32.00
CA GLU B 486 -13.62 32.15 -32.61
C GLU B 486 -14.79 32.26 -31.64
N TRP B 487 -14.96 31.28 -30.76
CA TRP B 487 -16.05 31.31 -29.79
C TRP B 487 -15.89 32.48 -28.83
N MET B 488 -14.70 32.63 -28.23
CA MET B 488 -14.47 33.74 -27.31
C MET B 488 -14.60 35.08 -28.01
N ARG B 489 -14.22 35.15 -29.29
CA ARG B 489 -14.29 36.42 -30.01
C ARG B 489 -15.73 36.91 -30.13
N ARG B 490 -16.62 36.02 -30.60
CA ARG B 490 -18.01 36.41 -30.79
C ARG B 490 -18.74 36.61 -29.47
N LEU B 491 -18.23 36.06 -28.37
CA LEU B 491 -18.74 36.36 -27.05
C LEU B 491 -18.04 37.53 -26.39
N ARG B 492 -16.97 38.05 -27.00
CA ARG B 492 -16.23 39.19 -26.43
C ARG B 492 -15.71 38.87 -25.03
N LEU B 493 -15.25 37.63 -24.84
CA LEU B 493 -14.71 37.20 -23.56
C LEU B 493 -13.21 37.44 -23.51
N ASP B 494 -12.74 37.95 -22.37
CA ASP B 494 -11.31 38.11 -22.16
C ASP B 494 -10.67 36.83 -21.64
N ALA B 495 -11.40 36.05 -20.85
CA ALA B 495 -10.90 34.78 -20.34
C ALA B 495 -12.09 33.93 -19.92
N VAL B 496 -11.83 32.64 -19.73
CA VAL B 496 -12.82 31.69 -19.24
C VAL B 496 -12.35 31.18 -17.88
N LEU B 497 -13.18 31.33 -16.86
CA LEU B 497 -12.83 30.94 -15.50
C LEU B 497 -13.83 29.93 -14.96
N PHE B 498 -13.35 29.10 -14.04
CA PHE B 498 -14.17 28.07 -13.41
C PHE B 498 -13.37 27.46 -12.27
N PRO B 499 -14.06 26.89 -11.27
CA PRO B 499 -13.34 26.14 -10.23
C PRO B 499 -12.53 25.02 -10.87
N THR B 500 -11.30 24.86 -10.39
CA THR B 500 -10.38 23.92 -11.00
C THR B 500 -10.91 22.49 -10.90
N VAL B 501 -11.43 22.11 -9.73
CA VAL B 501 -12.02 20.80 -9.52
C VAL B 501 -13.39 20.99 -8.88
N ALA B 502 -14.24 19.97 -9.04
CA ALA B 502 -15.57 19.99 -8.47
C ALA B 502 -15.59 19.51 -7.02
N ASP B 503 -14.66 18.65 -6.64
CA ASP B 503 -14.61 18.08 -5.30
C ASP B 503 -13.26 17.39 -5.14
N VAL B 504 -12.99 16.95 -3.92
CA VAL B 504 -11.76 16.23 -3.61
C VAL B 504 -12.12 14.83 -3.12
N GLY B 505 -11.35 13.84 -3.55
CA GLY B 505 -11.60 12.47 -3.17
C GLY B 505 -11.01 12.12 -1.82
N PRO B 506 -11.70 11.30 -1.03
CA PRO B 506 -11.15 10.89 0.26
C PRO B 506 -9.83 10.15 0.10
N ALA B 507 -9.03 10.19 1.16
CA ALA B 507 -7.69 9.60 1.11
C ALA B 507 -7.74 8.10 0.91
N ASP B 508 -8.79 7.44 1.41
CA ASP B 508 -8.94 6.00 1.26
C ASP B 508 -9.64 5.62 -0.03
N ALA B 509 -9.61 6.49 -1.04
CA ALA B 509 -10.27 6.20 -2.30
C ALA B 509 -9.65 5.00 -3.00
N ASP B 510 -8.42 4.64 -2.66
CA ASP B 510 -7.77 3.49 -3.29
C ASP B 510 -8.27 2.16 -2.73
N VAL B 511 -8.86 2.15 -1.54
CA VAL B 511 -9.33 0.92 -0.93
C VAL B 511 -10.79 0.98 -0.51
N ASN B 512 -11.40 2.15 -0.33
CA ASN B 512 -12.78 2.24 0.10
C ASN B 512 -13.69 2.35 -1.11
N PRO B 513 -14.60 1.39 -1.35
CA PRO B 513 -15.48 1.50 -2.52
C PRO B 513 -16.32 2.77 -2.54
N ALA B 514 -16.89 3.16 -1.39
CA ALA B 514 -17.70 4.37 -1.35
C ALA B 514 -16.87 5.60 -1.68
N SER B 515 -15.63 5.67 -1.19
CA SER B 515 -14.76 6.79 -1.51
C SER B 515 -14.30 6.74 -2.96
N ALA B 516 -14.11 5.53 -3.50
CA ALA B 516 -13.70 5.40 -4.89
C ALA B 516 -14.77 5.96 -5.82
N ASP B 517 -16.04 5.75 -5.48
CA ASP B 517 -17.12 6.29 -6.31
C ASP B 517 -17.03 7.82 -6.38
N ILE B 518 -16.73 8.46 -5.26
CA ILE B 518 -16.57 9.92 -5.27
C ILE B 518 -15.34 10.31 -6.08
N ALA B 519 -14.21 9.64 -5.83
CA ALA B 519 -12.95 10.03 -6.44
C ALA B 519 -12.91 9.79 -7.94
N TRP B 520 -13.71 8.87 -8.46
CA TRP B 520 -13.69 8.54 -9.87
C TRP B 520 -14.85 9.18 -10.64
N SER B 521 -15.55 10.14 -10.06
CA SER B 521 -16.64 10.82 -10.73
C SER B 521 -16.13 12.01 -11.54
N ASN B 522 -16.96 12.48 -12.46
CA ASN B 522 -16.57 13.59 -13.32
C ASN B 522 -16.40 14.85 -12.50
N GLY B 523 -15.38 15.63 -12.84
CA GLY B 523 -15.02 16.81 -12.07
C GLY B 523 -14.17 16.53 -10.85
N VAL B 524 -14.02 15.27 -10.45
CA VAL B 524 -13.23 14.90 -9.29
C VAL B 524 -12.04 14.02 -9.68
N TRP B 525 -12.28 13.02 -10.54
CA TRP B 525 -11.19 12.18 -11.01
C TRP B 525 -10.15 12.98 -11.77
N VAL B 526 -10.58 14.02 -12.47
CA VAL B 526 -9.72 14.90 -13.25
C VAL B 526 -10.22 16.32 -13.05
N ALA B 527 -9.30 17.27 -12.97
CA ALA B 527 -9.71 18.67 -12.85
C ALA B 527 -10.62 19.04 -14.02
N ASN B 528 -11.45 20.06 -13.78
CA ASN B 528 -12.47 20.43 -14.76
C ASN B 528 -11.83 20.74 -16.11
N GLY B 529 -12.42 20.21 -17.17
CA GLY B 529 -11.89 20.29 -18.51
C GLY B 529 -11.44 18.97 -19.09
N ASN B 530 -11.14 18.00 -18.22
CA ASN B 530 -10.72 16.64 -18.63
C ASN B 530 -9.56 16.78 -19.61
N LEU B 531 -9.60 16.11 -20.77
CA LEU B 531 -8.44 16.07 -21.66
C LEU B 531 -8.43 17.18 -22.69
N ALA B 532 -9.59 17.78 -23.00
CA ALA B 532 -9.64 18.76 -24.08
C ALA B 532 -8.73 19.96 -23.81
N ILE B 533 -8.51 20.30 -22.55
CA ILE B 533 -7.64 21.44 -22.23
C ILE B 533 -6.24 21.21 -22.77
N ARG B 534 -5.63 20.08 -22.39
CA ARG B 534 -4.28 19.79 -22.84
C ARG B 534 -4.27 19.26 -24.27
N HIS B 535 -5.36 18.61 -24.70
CA HIS B 535 -5.40 18.07 -26.05
C HIS B 535 -5.33 19.19 -27.08
N LEU B 536 -5.89 20.36 -26.77
CA LEU B 536 -5.98 21.44 -27.72
C LEU B 536 -5.02 22.59 -27.42
N GLY B 537 -4.09 22.39 -26.49
CA GLY B 537 -3.08 23.38 -26.21
C GLY B 537 -3.62 24.69 -25.66
N VAL B 538 -4.53 24.61 -24.68
CA VAL B 538 -5.16 25.79 -24.11
C VAL B 538 -4.31 26.25 -22.92
N PRO B 539 -3.84 27.50 -22.91
CA PRO B 539 -3.09 27.98 -21.75
C PRO B 539 -4.01 28.31 -20.58
N THR B 540 -3.56 27.96 -19.38
CA THR B 540 -4.34 28.20 -18.16
C THR B 540 -3.42 28.74 -17.09
N VAL B 541 -4.01 29.50 -16.17
CA VAL B 541 -3.33 29.99 -14.97
C VAL B 541 -4.26 29.73 -13.78
N THR B 542 -3.77 29.02 -12.78
CA THR B 542 -4.56 28.62 -11.62
C THR B 542 -4.11 29.41 -10.40
N VAL B 543 -5.07 29.91 -9.64
CA VAL B 543 -4.79 30.63 -8.40
C VAL B 543 -5.72 30.13 -7.31
N PRO B 544 -5.33 30.23 -6.03
CA PRO B 544 -6.21 29.76 -4.95
C PRO B 544 -7.51 30.56 -4.91
N MET B 545 -8.63 29.83 -4.84
CA MET B 545 -9.94 30.43 -4.71
C MET B 545 -10.43 30.49 -3.27
N GLY B 546 -9.76 29.80 -2.35
CA GLY B 546 -10.14 29.78 -0.96
C GLY B 546 -10.07 28.38 -0.40
N VAL B 547 -10.51 28.24 0.84
CA VAL B 547 -10.48 26.96 1.56
C VAL B 547 -11.91 26.57 1.91
N MET B 548 -12.27 25.32 1.63
CA MET B 548 -13.60 24.83 1.92
C MET B 548 -13.89 24.92 3.41
N ALA B 549 -15.07 25.43 3.75
CA ALA B 549 -15.40 25.66 5.16
C ALA B 549 -15.59 24.35 5.92
N ASP B 550 -16.04 23.30 5.25
CA ASP B 550 -16.40 22.08 5.97
C ASP B 550 -15.18 21.21 6.26
N ILE B 551 -14.35 20.95 5.25
CA ILE B 551 -13.24 20.00 5.36
C ILE B 551 -11.88 20.66 5.28
N GLY B 552 -11.83 21.99 5.16
CA GLY B 552 -10.55 22.68 5.17
C GLY B 552 -9.64 22.32 4.02
N MET B 553 -10.20 21.97 2.85
CA MET B 553 -9.38 21.63 1.70
C MET B 553 -9.33 22.79 0.73
N PRO B 554 -8.16 23.22 0.26
CA PRO B 554 -8.12 24.32 -0.71
C PRO B 554 -8.72 23.92 -2.05
N VAL B 555 -9.24 24.92 -2.76
CA VAL B 555 -9.74 24.75 -4.12
C VAL B 555 -9.33 25.97 -4.92
N GLY B 556 -8.94 25.76 -6.18
CA GLY B 556 -8.39 26.80 -7.01
C GLY B 556 -9.39 27.36 -8.00
N LEU B 557 -8.97 28.45 -8.65
CA LEU B 557 -9.71 29.08 -9.73
C LEU B 557 -8.82 29.10 -10.95
N THR B 558 -9.29 28.51 -12.05
CA THR B 558 -8.49 28.38 -13.27
C THR B 558 -8.95 29.41 -14.29
N PHE B 559 -7.99 30.14 -14.85
CA PHE B 559 -8.24 31.10 -15.93
C PHE B 559 -7.71 30.50 -17.22
N ALA B 560 -8.59 30.38 -18.22
CA ALA B 560 -8.21 29.88 -19.53
C ALA B 560 -8.53 30.93 -20.59
N GLY B 561 -7.84 30.84 -21.72
CA GLY B 561 -8.02 31.81 -22.78
C GLY B 561 -7.45 31.33 -24.09
N ARG B 562 -7.39 32.25 -25.04
CA ARG B 562 -6.87 31.97 -26.37
C ARG B 562 -5.41 31.55 -26.31
N ALA B 563 -4.98 30.82 -27.33
CA ALA B 563 -3.59 30.37 -27.40
C ALA B 563 -2.65 31.55 -27.52
N TYR B 564 -1.56 31.50 -26.75
CA TYR B 564 -0.53 32.53 -26.70
C TYR B 564 -1.04 33.85 -26.16
N ASP B 565 -2.18 33.84 -25.45
CA ASP B 565 -2.63 34.98 -24.66
C ASP B 565 -2.19 34.87 -23.21
N ASP B 566 -1.02 34.26 -22.96
CA ASP B 566 -0.65 33.89 -21.60
C ASP B 566 -0.42 35.12 -20.72
N SER B 567 0.15 36.18 -21.28
CA SER B 567 0.46 37.36 -20.48
C SER B 567 -0.82 37.96 -19.89
N ALA B 568 -1.90 37.98 -20.67
CA ALA B 568 -3.16 38.50 -20.17
C ALA B 568 -3.72 37.63 -19.05
N LEU B 569 -3.62 36.30 -19.21
CA LEU B 569 -4.15 35.40 -18.19
C LEU B 569 -3.38 35.53 -16.88
N LEU B 570 -2.05 35.61 -16.95
CA LEU B 570 -1.26 35.79 -15.74
C LEU B 570 -1.63 37.09 -15.03
N ARG B 571 -1.87 38.16 -15.79
CA ARG B 571 -2.23 39.43 -15.18
C ARG B 571 -3.61 39.35 -14.53
N PHE B 572 -4.58 38.73 -15.21
CA PHE B 572 -5.90 38.55 -14.60
C PHE B 572 -5.79 37.76 -13.30
N ALA B 573 -5.03 36.66 -13.33
CA ALA B 573 -4.90 35.83 -12.14
C ALA B 573 -4.21 36.57 -11.02
N ALA B 574 -3.17 37.35 -11.34
CA ALA B 574 -2.50 38.17 -10.33
C ALA B 574 -3.45 39.23 -9.79
N ALA B 575 -4.28 39.81 -10.65
CA ALA B 575 -5.22 40.83 -10.19
C ALA B 575 -6.24 40.23 -9.23
N PHE B 576 -6.75 39.04 -9.54
CA PHE B 576 -7.71 38.38 -8.64
C PHE B 576 -7.06 38.03 -7.32
N GLU B 577 -5.78 37.62 -7.35
CA GLU B 577 -5.09 37.28 -6.11
C GLU B 577 -4.97 38.49 -5.19
N SER B 578 -4.83 39.69 -5.75
CA SER B 578 -4.64 40.88 -4.94
C SER B 578 -5.89 41.28 -4.16
N THR B 579 -7.06 40.80 -4.58
CA THR B 579 -8.32 41.20 -3.96
C THR B 579 -8.70 40.33 -2.77
N GLY B 580 -7.82 39.46 -2.30
CA GLY B 580 -8.14 38.61 -1.17
C GLY B 580 -6.96 37.78 -0.73
N SER B 581 -7.05 37.30 0.51
CA SER B 581 -6.05 36.41 1.10
C SER B 581 -6.67 35.02 1.22
N ARG B 582 -6.67 34.30 0.10
CA ARG B 582 -7.39 33.04 -0.03
C ARG B 582 -6.46 31.83 0.10
N ARG B 583 -5.36 31.98 0.83
CA ARG B 583 -4.46 30.87 1.11
C ARG B 583 -4.07 30.90 2.57
N ILE B 584 -4.09 29.73 3.21
CA ILE B 584 -3.70 29.59 4.60
C ILE B 584 -2.49 28.69 4.69
N VAL B 585 -1.80 28.77 5.82
CA VAL B 585 -0.69 27.84 6.07
C VAL B 585 -1.27 26.46 6.35
N PRO B 586 -0.73 25.39 5.78
CA PRO B 586 -1.26 24.05 6.07
C PRO B 586 -1.21 23.75 7.56
N PRO B 587 -2.32 23.32 8.16
CA PRO B 587 -2.31 23.07 9.61
C PRO B 587 -1.47 21.89 10.04
N ARG B 588 -1.18 20.94 9.15
CA ARG B 588 -0.37 19.79 9.50
C ARG B 588 1.12 20.09 9.49
N THR B 589 1.53 21.24 8.95
CA THR B 589 2.94 21.62 8.86
C THR B 589 3.10 23.05 9.34
N PRO B 590 2.93 23.30 10.64
CA PRO B 590 3.13 24.65 11.17
C PRO B 590 4.60 25.00 11.21
N PRO B 591 4.93 26.28 11.41
CA PRO B 591 6.35 26.64 11.54
C PRO B 591 6.99 25.94 12.73
N LEU B 592 8.26 25.57 12.57
CA LEU B 592 8.98 24.85 13.62
C LEU B 592 9.34 25.79 14.78
N PRO C 1 11.45 -17.02 5.25
CA PRO C 1 10.52 -16.77 6.33
C PRO C 1 9.30 -17.62 6.19
N PRO C 2 9.06 -18.10 4.98
CA PRO C 2 7.91 -18.99 4.91
C PRO C 2 8.09 -20.39 4.31
N LEU C 3 8.96 -20.63 3.35
CA LEU C 3 8.89 -21.91 2.69
C LEU C 3 9.99 -22.82 3.19
N ALA C 4 9.57 -23.87 3.88
CA ALA C 4 10.46 -24.94 4.32
C ALA C 4 11.68 -24.48 5.14
N SER C 5 12.87 -24.64 4.59
CA SER C 5 14.09 -24.40 5.33
C SER C 5 14.85 -23.19 4.86
N LYS C 6 14.36 -22.51 3.84
CA LYS C 6 15.09 -21.39 3.30
C LYS C 6 14.41 -20.16 3.82
#